data_1CXE
#
_entry.id   1CXE
#
_cell.length_a   121.388
_cell.length_b   111.604
_cell.length_c   66.386
_cell.angle_alpha   90.00
_cell.angle_beta   90.00
_cell.angle_gamma   90.00
#
_symmetry.space_group_name_H-M   'P 21 21 21'
#
loop_
_entity.id
_entity.type
_entity.pdbx_description
1 polymer 'CYCLODEXTRIN GLYCOSYLTRANSFERASE'
2 branched alpha-D-glucopyranose-(1-4)-alpha-D-glucopyranose-(1-4)-alpha-D-glucopyranose-(1-4)-alpha-D-glucopyranose
3 branched alpha-D-glucopyranose-(1-4)-alpha-D-glucopyranose
4 non-polymer 'CALCIUM ION'
5 water water
#
_entity_poly.entity_id   1
_entity_poly.type   'polypeptide(L)'
_entity_poly.pdbx_seq_one_letter_code
;APDTSVSNKQNFSTDVIYQIFTDRFSDGNPANNPTGAAFDGTCTNLRLYCGGDWQGIINKINDGYLTGMGVTAIWISQPV
ENIYSIINYSGVNNTAYHGYWARDFKKTNPAYGTIADFQNLIAAAHAKNIKVIIDFAPNHTSPASSDQPSFAENGRLYDN
GTLLGGYTNDTQNLFHHNGGTDFSTTENGIYKNLYDLADLNHNNSTVDVYLKDAIKMWLDLGIDGIRMDAVKHMPFGWQK
SFMAAVNNYKPVFTFGEWFLGVNEVSPENHKFANESGMSLLDFRFAQKVRQVFRDNTDNMYGLKAMLEGSAADYAQVDDQ
VTFIDNHDMERFHASNANRRKLEQALAFTLTSRGVPAIYYGTEQYMSGGTDPDNRARIPSFSTSTTAYQVIQKLAPLRKC
NPAIAYGSTQERWINNDVLIYERKFGSNVAVVAVNRNLNAPASISGLVTSLPQGSYNDVLGGLLNGNTLSVGSGGAASNF
TLAAGGTAVWQYTAATATPTIGHVGPMMAKPGVTITIDGRGFGSSKGTVYFGTTAVSGADITSWEDTQIKVKIPAVAGGN
YNIKVANAAGTASNVYDNFEVLSGDQVSVRFVVNNATTALGQNVYLTGSVSELGNWDPAKAIGPMYNQVVYQYPNWYYDV
SVPAGKTIEFKFLKKQGSTVTWEGGSNHTFTAPSSGTATINVNWQP
;
_entity_poly.pdbx_strand_id   A
#
loop_
_chem_comp.id
_chem_comp.type
_chem_comp.name
_chem_comp.formula
CA non-polymer 'CALCIUM ION' 'Ca 2'
GLC D-saccharide, alpha linking alpha-D-glucopyranose 'C6 H12 O6'
#
# COMPACT_ATOMS: atom_id res chain seq x y z
N ALA A 1 -2.84 22.84 9.05
CA ALA A 1 -3.64 22.27 7.97
C ALA A 1 -4.53 21.15 8.50
N PRO A 2 -5.72 21.00 7.91
CA PRO A 2 -6.64 19.95 8.35
C PRO A 2 -6.18 18.60 7.79
N ASP A 3 -6.74 17.52 8.35
CA ASP A 3 -6.38 16.18 7.94
C ASP A 3 -6.52 15.94 6.44
N THR A 4 -7.45 16.66 5.82
CA THR A 4 -7.76 16.53 4.40
C THR A 4 -6.89 17.32 3.42
N SER A 5 -5.98 18.16 3.94
CA SER A 5 -5.14 18.98 3.08
C SER A 5 -4.13 18.19 2.24
N VAL A 6 -3.79 18.72 1.06
CA VAL A 6 -2.84 18.04 0.16
C VAL A 6 -1.48 17.86 0.83
N SER A 7 -1.23 18.65 1.86
CA SER A 7 0.06 18.58 2.53
C SER A 7 0.21 17.39 3.48
N ASN A 8 -0.89 16.70 3.77
CA ASN A 8 -0.83 15.56 4.66
C ASN A 8 -0.28 14.32 3.94
N LYS A 9 1.03 14.11 3.97
CA LYS A 9 1.63 12.96 3.29
C LYS A 9 1.53 11.66 4.10
N GLN A 10 0.95 11.73 5.29
CA GLN A 10 0.88 10.58 6.20
C GLN A 10 -0.43 9.82 6.18
N ASN A 11 -1.44 10.38 5.54
CA ASN A 11 -2.77 9.81 5.56
C ASN A 11 -3.42 9.97 4.19
N PHE A 12 -3.77 8.84 3.55
CA PHE A 12 -4.41 8.87 2.24
C PHE A 12 -5.86 8.41 2.34
N SER A 13 -6.31 8.10 3.55
CA SER A 13 -7.66 7.62 3.75
C SER A 13 -8.77 8.55 3.27
N THR A 14 -8.50 9.85 3.18
CA THR A 14 -9.51 10.77 2.67
C THR A 14 -9.32 11.04 1.17
N ASP A 15 -8.35 10.37 0.57
CA ASP A 15 -8.06 10.57 -0.86
C ASP A 15 -8.62 9.48 -1.77
N VAL A 16 -8.57 9.76 -3.08
CA VAL A 16 -8.95 8.81 -4.11
C VAL A 16 -7.76 8.82 -5.06
N ILE A 17 -7.09 7.69 -5.20
CA ILE A 17 -5.91 7.57 -6.05
C ILE A 17 -6.27 7.17 -7.48
N TYR A 18 -5.64 7.80 -8.46
CA TYR A 18 -5.84 7.46 -9.87
C TYR A 18 -4.50 6.90 -10.38
N GLN A 19 -4.47 5.61 -10.72
CA GLN A 19 -3.24 4.95 -11.17
C GLN A 19 -2.95 5.19 -12.65
N ILE A 20 -1.82 5.80 -12.94
CA ILE A 20 -1.48 6.08 -14.33
C ILE A 20 -0.28 5.31 -14.85
N PHE A 21 -0.43 4.68 -16.01
CA PHE A 21 0.69 4.04 -16.68
C PHE A 21 1.14 5.21 -17.54
N THR A 22 2.20 5.89 -17.11
CA THR A 22 2.70 7.09 -17.78
C THR A 22 2.70 7.06 -19.30
N ASP A 23 3.28 6.02 -19.87
CA ASP A 23 3.40 5.88 -21.31
C ASP A 23 2.08 5.81 -22.07
N ARG A 24 1.03 5.39 -21.39
CA ARG A 24 -0.27 5.21 -22.01
C ARG A 24 -1.31 6.26 -21.67
N PHE A 25 -0.88 7.34 -21.04
CA PHE A 25 -1.83 8.37 -20.65
C PHE A 25 -1.91 9.54 -21.64
N SER A 26 -0.84 10.33 -21.76
CA SER A 26 -0.85 11.47 -22.67
C SER A 26 0.56 11.93 -23.02
N ASP A 27 0.84 11.99 -24.32
CA ASP A 27 2.14 12.44 -24.82
C ASP A 27 2.09 13.96 -24.89
N GLY A 28 2.67 14.63 -23.91
CA GLY A 28 2.65 16.09 -23.89
C GLY A 28 3.93 16.68 -24.49
N ASN A 29 4.95 15.85 -24.66
CA ASN A 29 6.18 16.31 -25.24
C ASN A 29 6.71 15.28 -26.20
N PRO A 30 6.41 15.52 -27.47
CA PRO A 30 6.81 14.62 -28.54
C PRO A 30 8.32 14.56 -28.71
N ALA A 31 9.03 15.55 -28.16
CA ALA A 31 10.49 15.60 -28.27
C ALA A 31 11.24 14.48 -27.52
N ASN A 32 10.67 13.99 -26.43
CA ASN A 32 11.33 12.94 -25.65
C ASN A 32 10.92 11.53 -26.04
N ASN A 33 10.12 11.39 -27.08
CA ASN A 33 9.66 10.08 -27.53
C ASN A 33 10.81 9.25 -28.03
N PRO A 34 10.83 7.97 -27.69
CA PRO A 34 11.88 7.11 -28.19
C PRO A 34 11.67 7.03 -29.70
N THR A 35 12.66 6.52 -30.42
CA THR A 35 12.57 6.42 -31.87
C THR A 35 12.86 5.01 -32.34
N GLY A 36 12.59 4.76 -33.61
CA GLY A 36 12.87 3.47 -34.21
C GLY A 36 11.93 2.35 -33.80
N ALA A 37 12.51 1.17 -33.65
CA ALA A 37 11.77 -0.05 -33.29
C ALA A 37 11.29 -0.07 -31.84
N ALA A 38 11.66 0.96 -31.09
CA ALA A 38 11.24 1.04 -29.70
C ALA A 38 10.04 1.94 -29.59
N PHE A 39 9.59 2.47 -30.72
CA PHE A 39 8.49 3.38 -30.66
C PHE A 39 7.34 3.12 -31.61
N ASP A 40 6.12 3.36 -31.12
CA ASP A 40 4.90 3.21 -31.92
C ASP A 40 3.89 4.26 -31.51
N GLY A 41 3.94 5.37 -32.25
CA GLY A 41 3.06 6.50 -32.02
C GLY A 41 1.58 6.16 -32.09
N THR A 42 1.23 5.12 -32.83
CA THR A 42 -0.19 4.73 -32.93
C THR A 42 -0.60 3.89 -31.73
N CYS A 43 0.39 3.46 -30.95
CA CYS A 43 0.12 2.64 -29.79
C CYS A 43 -0.72 1.43 -30.16
N THR A 44 -0.34 0.76 -31.24
CA THR A 44 -1.03 -0.42 -31.71
C THR A 44 -0.25 -1.62 -31.21
N ASN A 45 1.06 -1.46 -31.11
CA ASN A 45 1.91 -2.50 -30.56
C ASN A 45 2.10 -2.13 -29.10
N LEU A 46 1.45 -2.89 -28.23
CA LEU A 46 1.44 -2.62 -26.80
C LEU A 46 2.68 -2.93 -25.98
N ARG A 47 3.75 -3.40 -26.61
CA ARG A 47 4.98 -3.70 -25.88
C ARG A 47 6.09 -2.71 -26.19
N LEU A 48 5.75 -1.70 -26.98
CA LEU A 48 6.69 -0.64 -27.36
C LEU A 48 6.23 0.65 -26.67
N TYR A 49 7.02 1.71 -26.79
CA TYR A 49 6.65 2.99 -26.19
C TYR A 49 5.64 3.68 -27.06
N CYS A 50 4.64 4.29 -26.43
CA CYS A 50 3.62 5.02 -27.16
C CYS A 50 3.84 6.53 -27.03
N GLY A 51 4.74 6.90 -26.12
CA GLY A 51 5.12 8.30 -25.93
C GLY A 51 4.53 9.09 -24.77
N GLY A 52 3.74 8.46 -23.90
CA GLY A 52 3.13 9.17 -22.75
C GLY A 52 4.20 9.70 -21.80
N ASP A 53 4.01 10.89 -21.24
CA ASP A 53 5.02 11.47 -20.36
C ASP A 53 4.50 12.36 -19.23
N TRP A 54 5.41 12.93 -18.44
CA TRP A 54 5.03 13.81 -17.32
C TRP A 54 4.39 15.10 -17.80
N GLN A 55 4.80 15.57 -18.96
CA GLN A 55 4.20 16.79 -19.50
C GLN A 55 2.71 16.54 -19.78
N GLY A 56 2.39 15.37 -20.32
CA GLY A 56 1.01 14.99 -20.62
C GLY A 56 0.17 15.01 -19.36
N ILE A 57 0.70 14.44 -18.28
CA ILE A 57 -0.01 14.39 -17.01
C ILE A 57 -0.26 15.82 -16.54
N ILE A 58 0.77 16.64 -16.65
CA ILE A 58 0.65 18.04 -16.26
C ILE A 58 -0.47 18.67 -17.06
N ASN A 59 -0.53 18.36 -18.35
CA ASN A 59 -1.57 18.90 -19.21
C ASN A 59 -2.98 18.48 -18.76
N LYS A 60 -3.15 17.21 -18.40
CA LYS A 60 -4.46 16.72 -17.97
C LYS A 60 -4.84 17.18 -16.56
N ILE A 61 -3.86 17.57 -15.75
CA ILE A 61 -4.15 18.10 -14.43
C ILE A 61 -4.65 19.52 -14.65
N ASN A 62 -4.02 20.23 -15.58
CA ASN A 62 -4.38 21.61 -15.86
C ASN A 62 -5.66 21.81 -16.69
N ASP A 63 -5.99 20.88 -17.58
CA ASP A 63 -7.21 21.06 -18.36
C ASP A 63 -8.48 20.59 -17.66
N GLY A 64 -8.35 20.16 -16.41
CA GLY A 64 -9.50 19.74 -15.60
C GLY A 64 -10.02 18.29 -15.68
N TYR A 65 -9.35 17.42 -16.42
CA TYR A 65 -9.84 16.05 -16.51
C TYR A 65 -9.87 15.28 -15.16
N LEU A 66 -8.76 15.32 -14.45
CA LEU A 66 -8.60 14.64 -13.17
C LEU A 66 -9.32 15.37 -12.05
N THR A 67 -9.09 16.67 -11.94
CA THR A 67 -9.73 17.45 -10.89
C THR A 67 -11.25 17.40 -11.04
N GLY A 68 -11.74 17.39 -12.28
CA GLY A 68 -13.18 17.35 -12.55
C GLY A 68 -13.78 16.04 -12.01
N MET A 69 -12.99 14.99 -12.03
CA MET A 69 -13.43 13.68 -11.54
C MET A 69 -13.45 13.60 -10.01
N GLY A 70 -12.69 14.46 -9.34
CA GLY A 70 -12.63 14.40 -7.87
C GLY A 70 -11.44 13.55 -7.39
N VAL A 71 -10.51 13.27 -8.29
CA VAL A 71 -9.32 12.50 -7.95
C VAL A 71 -8.39 13.43 -7.16
N THR A 72 -7.72 12.91 -6.12
CA THR A 72 -6.88 13.75 -5.28
C THR A 72 -5.45 13.25 -5.06
N ALA A 73 -5.09 12.19 -5.76
CA ALA A 73 -3.74 11.64 -5.69
C ALA A 73 -3.56 10.88 -6.97
N ILE A 74 -2.33 10.78 -7.44
CA ILE A 74 -2.06 10.03 -8.66
C ILE A 74 -0.88 9.12 -8.36
N TRP A 75 -0.92 7.91 -8.87
CA TRP A 75 0.18 6.98 -8.65
C TRP A 75 0.74 6.71 -10.06
N ILE A 76 2.02 7.05 -10.26
CA ILE A 76 2.67 6.93 -11.56
C ILE A 76 3.73 5.85 -11.69
N SER A 77 4.04 5.49 -12.93
CA SER A 77 5.05 4.46 -13.20
C SER A 77 6.37 4.82 -12.54
N GLN A 78 7.17 3.80 -12.21
CA GLN A 78 8.48 4.00 -11.58
C GLN A 78 9.25 5.03 -12.40
N PRO A 79 9.69 6.11 -11.77
CA PRO A 79 10.34 7.19 -12.52
C PRO A 79 11.81 7.03 -12.88
N VAL A 80 12.50 6.08 -12.27
CA VAL A 80 13.94 5.89 -12.50
C VAL A 80 14.35 5.41 -13.90
N GLU A 81 15.60 5.68 -14.27
CA GLU A 81 16.11 5.30 -15.57
C GLU A 81 16.05 3.79 -15.78
N ASN A 82 15.50 3.40 -16.90
CA ASN A 82 15.36 2.00 -17.24
C ASN A 82 16.31 1.63 -18.38
N ILE A 83 16.52 0.33 -18.59
CA ILE A 83 17.39 -0.13 -19.66
C ILE A 83 16.88 0.36 -21.02
N TYR A 84 17.79 0.46 -21.98
CA TYR A 84 17.43 0.94 -23.30
C TYR A 84 17.26 -0.17 -24.34
N SER A 85 17.71 -1.37 -24.02
CA SER A 85 17.59 -2.49 -24.94
C SER A 85 16.14 -2.83 -25.25
N ILE A 86 15.92 -3.25 -26.50
CA ILE A 86 14.63 -3.72 -26.95
C ILE A 86 14.85 -5.22 -26.77
N ILE A 87 14.03 -5.88 -25.96
CA ILE A 87 14.23 -7.31 -25.71
C ILE A 87 13.33 -8.19 -26.55
N ASN A 88 13.91 -9.12 -27.30
CA ASN A 88 13.08 -10.00 -28.09
C ASN A 88 12.76 -11.24 -27.30
N TYR A 89 11.49 -11.41 -27.01
CA TYR A 89 11.06 -12.58 -26.28
C TYR A 89 10.38 -13.55 -27.22
N SER A 90 11.22 -14.35 -27.88
CA SER A 90 10.78 -15.36 -28.83
C SER A 90 9.90 -14.80 -29.93
N GLY A 91 10.42 -13.82 -30.65
CA GLY A 91 9.67 -13.23 -31.74
C GLY A 91 9.18 -11.82 -31.46
N VAL A 92 8.70 -11.60 -30.24
CA VAL A 92 8.19 -10.27 -29.90
C VAL A 92 9.20 -9.32 -29.27
N ASN A 93 9.20 -8.10 -29.77
CA ASN A 93 10.08 -7.06 -29.26
C ASN A 93 9.43 -6.39 -28.04
N ASN A 94 10.20 -6.22 -26.98
CA ASN A 94 9.69 -5.61 -25.75
C ASN A 94 10.55 -4.46 -25.29
N THR A 95 9.91 -3.39 -24.84
CA THR A 95 10.64 -2.26 -24.29
C THR A 95 10.28 -2.07 -22.83
N ALA A 96 11.03 -1.22 -22.13
CA ALA A 96 10.80 -0.95 -20.70
C ALA A 96 9.80 0.20 -20.48
N TYR A 97 8.81 0.28 -21.37
CA TYR A 97 7.81 1.34 -21.28
C TYR A 97 7.10 1.33 -19.92
N HIS A 98 7.04 0.16 -19.31
CA HIS A 98 6.36 -0.04 -18.03
C HIS A 98 7.09 0.55 -16.81
N GLY A 99 8.40 0.76 -16.95
CA GLY A 99 9.22 1.35 -15.89
C GLY A 99 9.80 0.38 -14.84
N TYR A 100 9.57 -0.93 -15.02
CA TYR A 100 10.02 -1.94 -14.05
C TYR A 100 11.39 -2.56 -14.28
N TRP A 101 12.09 -2.13 -15.31
CA TRP A 101 13.41 -2.65 -15.62
C TRP A 101 14.45 -1.58 -15.36
N ALA A 102 14.67 -1.31 -14.08
CA ALA A 102 15.60 -0.27 -13.64
C ALA A 102 17.08 -0.48 -13.94
N ARG A 103 17.76 0.60 -14.27
CA ARG A 103 19.18 0.54 -14.55
C ARG A 103 19.95 1.49 -13.60
N ASP A 104 19.29 2.57 -13.17
CA ASP A 104 19.92 3.54 -12.28
C ASP A 104 18.82 4.21 -11.46
N PHE A 105 18.78 3.96 -10.15
CA PHE A 105 17.73 4.55 -9.30
C PHE A 105 17.90 6.03 -8.98
N LYS A 106 18.96 6.65 -9.48
CA LYS A 106 19.22 8.06 -9.21
C LYS A 106 18.99 9.00 -10.38
N LYS A 107 18.51 8.44 -11.50
CA LYS A 107 18.23 9.22 -12.69
C LYS A 107 16.81 8.96 -13.13
N THR A 108 16.33 9.78 -14.06
CA THR A 108 14.98 9.62 -14.57
C THR A 108 15.01 8.83 -15.88
N ASN A 109 13.83 8.36 -16.29
CA ASN A 109 13.64 7.69 -17.56
C ASN A 109 13.39 8.86 -18.51
N PRO A 110 14.30 9.10 -19.44
CA PRO A 110 14.16 10.24 -20.35
C PRO A 110 12.89 10.26 -21.18
N ALA A 111 12.27 9.10 -21.36
CA ALA A 111 11.03 9.04 -22.13
C ALA A 111 9.92 9.70 -21.33
N TYR A 112 10.02 9.66 -20.00
CA TYR A 112 9.01 10.30 -19.16
C TYR A 112 9.33 11.78 -19.00
N GLY A 113 10.62 12.10 -18.90
CA GLY A 113 11.01 13.50 -18.76
C GLY A 113 12.34 13.68 -18.03
N THR A 114 12.66 14.92 -17.73
CA THR A 114 13.88 15.27 -17.01
C THR A 114 13.52 15.50 -15.55
N ILE A 115 14.53 15.69 -14.71
CA ILE A 115 14.25 15.97 -13.31
C ILE A 115 13.47 17.28 -13.20
N ALA A 116 13.64 18.15 -14.19
CA ALA A 116 12.94 19.42 -14.23
C ALA A 116 11.48 19.15 -14.49
N ASP A 117 11.22 18.18 -15.38
CA ASP A 117 9.85 17.79 -15.68
C ASP A 117 9.24 17.21 -14.41
N PHE A 118 9.99 16.34 -13.73
CA PHE A 118 9.49 15.75 -12.49
C PHE A 118 9.10 16.82 -11.49
N GLN A 119 9.97 17.82 -11.29
CA GLN A 119 9.66 18.89 -10.35
C GLN A 119 8.46 19.71 -10.75
N ASN A 120 8.28 19.89 -12.06
CA ASN A 120 7.15 20.64 -12.59
C ASN A 120 5.89 19.82 -12.34
N LEU A 121 6.01 18.50 -12.43
CA LEU A 121 4.88 17.63 -12.19
C LEU A 121 4.40 17.79 -10.76
N ILE A 122 5.34 17.67 -9.81
CA ILE A 122 5.02 17.81 -8.40
C ILE A 122 4.35 19.16 -8.10
N ALA A 123 4.87 20.21 -8.72
CA ALA A 123 4.34 21.56 -8.55
C ALA A 123 2.92 21.72 -9.12
N ALA A 124 2.71 21.27 -10.35
CA ALA A 124 1.39 21.37 -10.97
C ALA A 124 0.37 20.59 -10.14
N ALA A 125 0.77 19.40 -9.71
CA ALA A 125 -0.10 18.57 -8.91
C ALA A 125 -0.45 19.26 -7.60
N HIS A 126 0.56 19.55 -6.79
CA HIS A 126 0.34 20.17 -5.50
C HIS A 126 -0.51 21.43 -5.61
N ALA A 127 -0.32 22.17 -6.70
CA ALA A 127 -1.10 23.38 -6.91
C ALA A 127 -2.59 23.08 -7.09
N LYS A 128 -2.90 21.87 -7.54
CA LYS A 128 -4.31 21.50 -7.72
C LYS A 128 -4.87 20.52 -6.67
N ASN A 129 -4.19 20.44 -5.53
CA ASN A 129 -4.59 19.58 -4.41
C ASN A 129 -4.51 18.09 -4.68
N ILE A 130 -3.57 17.71 -5.52
CA ILE A 130 -3.37 16.33 -5.88
C ILE A 130 -2.01 15.84 -5.38
N LYS A 131 -2.01 14.75 -4.62
CA LYS A 131 -0.78 14.17 -4.08
C LYS A 131 -0.14 13.27 -5.12
N VAL A 132 1.18 13.11 -5.07
CA VAL A 132 1.88 12.30 -6.06
C VAL A 132 2.58 11.12 -5.42
N ILE A 133 2.26 9.93 -5.92
CA ILE A 133 2.84 8.68 -5.43
C ILE A 133 3.66 8.07 -6.56
N ILE A 134 4.82 7.53 -6.23
CA ILE A 134 5.63 6.89 -7.27
C ILE A 134 5.78 5.42 -6.99
N ASP A 135 5.85 4.64 -8.06
CA ASP A 135 6.09 3.22 -7.95
C ASP A 135 7.59 3.10 -7.71
N PHE A 136 8.00 2.14 -6.88
CA PHE A 136 9.42 1.93 -6.57
C PHE A 136 9.67 0.43 -6.51
N ALA A 137 10.59 -0.08 -7.33
CA ALA A 137 10.84 -1.52 -7.37
C ALA A 137 12.28 -1.95 -7.10
N PRO A 138 12.63 -2.07 -5.82
CA PRO A 138 13.98 -2.43 -5.43
C PRO A 138 14.28 -3.91 -5.35
N ASN A 139 13.41 -4.75 -5.87
CA ASN A 139 13.69 -6.18 -5.78
C ASN A 139 14.72 -6.65 -6.82
N HIS A 140 14.79 -5.96 -7.95
CA HIS A 140 15.65 -6.39 -9.02
C HIS A 140 16.02 -5.21 -9.93
N THR A 141 16.83 -5.50 -10.96
CA THR A 141 17.19 -4.48 -11.92
C THR A 141 16.43 -4.77 -13.22
N SER A 142 16.99 -5.66 -14.05
CA SER A 142 16.38 -6.03 -15.33
C SER A 142 16.68 -7.48 -15.74
N PRO A 143 16.10 -7.93 -16.85
CA PRO A 143 16.32 -9.30 -17.34
C PRO A 143 17.78 -9.53 -17.66
N ALA A 144 18.33 -10.60 -17.11
CA ALA A 144 19.72 -10.90 -17.35
C ALA A 144 19.91 -12.39 -17.49
N SER A 145 21.03 -12.76 -18.10
CA SER A 145 21.42 -14.15 -18.27
C SER A 145 22.90 -14.17 -17.90
N SER A 146 23.23 -14.83 -16.80
CA SER A 146 24.60 -14.85 -16.33
C SER A 146 25.58 -15.48 -17.30
N ASP A 147 25.12 -16.32 -18.21
CA ASP A 147 26.03 -16.89 -19.18
C ASP A 147 25.92 -16.32 -20.59
N GLN A 148 24.97 -15.40 -20.75
CA GLN A 148 24.78 -14.72 -22.02
C GLN A 148 24.78 -13.26 -21.72
N PRO A 149 25.91 -12.77 -21.22
CA PRO A 149 26.08 -11.36 -20.84
C PRO A 149 25.62 -10.40 -21.92
N SER A 150 25.60 -10.88 -23.16
CA SER A 150 25.19 -10.02 -24.27
C SER A 150 23.68 -9.84 -24.31
N PHE A 151 22.97 -10.55 -23.43
CA PHE A 151 21.51 -10.46 -23.37
C PHE A 151 21.06 -9.20 -22.63
N ALA A 152 20.21 -8.40 -23.29
CA ALA A 152 19.71 -7.14 -22.71
C ALA A 152 20.89 -6.30 -22.19
N GLU A 153 20.80 -5.85 -20.94
CA GLU A 153 21.90 -5.06 -20.35
C GLU A 153 22.56 -5.82 -19.22
N ASN A 154 22.41 -7.15 -19.24
CA ASN A 154 23.02 -8.03 -18.25
C ASN A 154 22.65 -7.65 -16.81
N GLY A 155 21.46 -7.07 -16.65
CA GLY A 155 20.96 -6.66 -15.35
C GLY A 155 21.83 -5.59 -14.70
N ARG A 156 22.61 -4.90 -15.52
CA ARG A 156 23.53 -3.87 -15.01
C ARG A 156 22.94 -2.79 -14.11
N LEU A 157 23.66 -2.51 -13.03
CA LEU A 157 23.25 -1.50 -12.05
C LEU A 157 24.25 -0.33 -12.02
N TYR A 158 23.72 0.88 -12.18
CA TYR A 158 24.54 2.09 -12.17
C TYR A 158 24.15 2.97 -11.00
N ASP A 159 25.13 3.73 -10.52
CA ASP A 159 24.91 4.66 -9.43
C ASP A 159 25.12 6.04 -10.02
N ASN A 160 24.04 6.62 -10.51
CA ASN A 160 24.10 7.94 -11.11
C ASN A 160 25.18 8.00 -12.21
N GLY A 161 25.13 7.05 -13.13
CA GLY A 161 26.07 7.00 -14.25
C GLY A 161 27.28 6.09 -14.01
N THR A 162 27.59 5.80 -12.76
CA THR A 162 28.73 4.94 -12.43
C THR A 162 28.35 3.46 -12.33
N LEU A 163 28.97 2.63 -13.15
CA LEU A 163 28.70 1.20 -13.15
C LEU A 163 29.03 0.52 -11.83
N LEU A 164 28.00 0.03 -11.14
CA LEU A 164 28.22 -0.68 -9.89
C LEU A 164 28.58 -2.13 -10.24
N GLY A 165 27.83 -2.72 -11.17
CA GLY A 165 28.08 -4.13 -11.58
C GLY A 165 26.94 -4.76 -12.40
N GLY A 166 27.22 -5.93 -12.97
CA GLY A 166 26.25 -6.66 -13.78
C GLY A 166 26.04 -8.09 -13.28
N TYR A 167 25.11 -8.80 -13.91
CA TYR A 167 24.82 -10.16 -13.50
C TYR A 167 25.96 -11.17 -13.74
N THR A 168 26.61 -11.03 -14.89
CA THR A 168 27.73 -11.90 -15.28
C THR A 168 28.98 -11.47 -14.53
N ASN A 169 29.70 -12.43 -13.97
CA ASN A 169 30.91 -12.18 -13.17
C ASN A 169 30.67 -11.22 -12.02
N ASP A 170 29.63 -11.51 -11.27
CA ASP A 170 29.21 -10.73 -10.12
C ASP A 170 30.07 -11.18 -8.94
N THR A 171 31.31 -10.70 -8.93
CA THR A 171 32.25 -11.05 -7.87
C THR A 171 31.93 -10.29 -6.59
N GLN A 172 31.29 -9.15 -6.73
CA GLN A 172 30.90 -8.31 -5.59
C GLN A 172 29.70 -8.96 -4.92
N ASN A 173 28.99 -9.76 -5.70
CA ASN A 173 27.79 -10.44 -5.21
C ASN A 173 26.67 -9.47 -4.94
N LEU A 174 26.43 -8.58 -5.88
CA LEU A 174 25.37 -7.61 -5.76
C LEU A 174 24.03 -8.31 -5.95
N PHE A 175 24.05 -9.45 -6.65
CA PHE A 175 22.83 -10.20 -6.97
C PHE A 175 22.81 -11.61 -6.41
N HIS A 176 21.68 -12.28 -6.59
CA HIS A 176 21.51 -13.65 -6.15
C HIS A 176 21.78 -14.56 -7.33
N HIS A 177 22.36 -15.71 -7.06
CA HIS A 177 22.66 -16.70 -8.09
C HIS A 177 22.12 -18.04 -7.59
N ASN A 178 20.84 -18.04 -7.25
CA ASN A 178 20.18 -19.22 -6.72
C ASN A 178 19.18 -19.81 -7.68
N GLY A 179 19.20 -19.36 -8.93
CA GLY A 179 18.25 -19.84 -9.93
C GLY A 179 17.00 -18.97 -9.95
N GLY A 180 15.91 -19.54 -10.48
CA GLY A 180 14.64 -18.84 -10.58
C GLY A 180 13.61 -19.50 -9.64
N THR A 181 12.72 -18.69 -9.09
CA THR A 181 11.69 -19.18 -8.17
C THR A 181 10.57 -19.90 -8.89
N ASP A 182 9.97 -20.86 -8.21
CA ASP A 182 8.83 -21.56 -8.76
C ASP A 182 7.62 -21.12 -7.91
N PHE A 183 7.84 -20.10 -7.09
CA PHE A 183 6.80 -19.58 -6.22
C PHE A 183 6.32 -20.67 -5.28
N SER A 184 7.08 -21.75 -5.17
CA SER A 184 6.68 -22.85 -4.29
C SER A 184 6.52 -22.47 -2.82
N THR A 185 7.46 -21.70 -2.28
CA THR A 185 7.36 -21.25 -0.90
C THR A 185 7.69 -19.77 -0.82
N THR A 186 7.39 -19.15 0.31
CA THR A 186 7.69 -17.74 0.47
C THR A 186 9.22 -17.53 0.42
N GLU A 187 9.96 -18.44 1.06
CA GLU A 187 11.42 -18.35 1.07
C GLU A 187 11.99 -18.50 -0.35
N ASN A 188 11.42 -19.43 -1.09
CA ASN A 188 11.84 -19.70 -2.46
C ASN A 188 11.61 -18.48 -3.36
N GLY A 189 10.51 -17.75 -3.13
CA GLY A 189 10.15 -16.56 -3.92
C GLY A 189 10.93 -15.30 -3.55
N ILE A 190 11.63 -15.35 -2.42
CA ILE A 190 12.43 -14.22 -1.95
C ILE A 190 13.90 -14.29 -2.42
N TYR A 191 14.54 -15.43 -2.19
CA TYR A 191 15.95 -15.59 -2.53
C TYR A 191 16.33 -16.10 -3.91
N LYS A 192 15.35 -16.22 -4.80
CA LYS A 192 15.59 -16.65 -6.16
C LYS A 192 15.01 -15.62 -7.12
N ASN A 193 15.45 -15.64 -8.37
CA ASN A 193 14.98 -14.68 -9.37
C ASN A 193 13.52 -14.82 -9.73
N LEU A 194 12.90 -13.68 -9.99
CA LEU A 194 11.53 -13.63 -10.45
C LEU A 194 11.70 -13.67 -11.95
N TYR A 195 11.33 -14.78 -12.58
CA TYR A 195 11.48 -14.91 -14.02
C TYR A 195 12.98 -14.76 -14.32
N ASP A 196 13.35 -13.86 -15.22
CA ASP A 196 14.76 -13.67 -15.55
C ASP A 196 15.32 -12.36 -15.00
N LEU A 197 14.57 -11.73 -14.09
CA LEU A 197 14.98 -10.46 -13.51
C LEU A 197 16.11 -10.65 -12.52
N ALA A 198 17.19 -9.91 -12.73
CA ALA A 198 18.34 -10.01 -11.83
C ALA A 198 17.92 -9.59 -10.41
N ASP A 199 17.91 -10.57 -9.51
CA ASP A 199 17.52 -10.35 -8.11
C ASP A 199 18.60 -9.67 -7.29
N LEU A 200 18.28 -8.51 -6.72
CA LEU A 200 19.23 -7.78 -5.89
C LEU A 200 19.44 -8.47 -4.53
N ASN A 201 20.69 -8.49 -4.06
CA ASN A 201 21.03 -9.09 -2.77
C ASN A 201 21.06 -7.98 -1.74
N HIS A 202 19.97 -7.80 -1.01
CA HIS A 202 19.90 -6.75 -0.01
C HIS A 202 20.80 -6.94 1.21
N ASN A 203 21.44 -8.12 1.32
CA ASN A 203 22.35 -8.37 2.43
C ASN A 203 23.76 -7.83 2.08
N ASN A 204 23.91 -7.31 0.87
CA ASN A 204 25.18 -6.72 0.44
C ASN A 204 25.10 -5.24 0.85
N SER A 205 26.03 -4.78 1.68
CA SER A 205 26.03 -3.41 2.17
C SER A 205 25.94 -2.34 1.09
N THR A 206 26.61 -2.59 -0.03
CA THR A 206 26.60 -1.65 -1.14
C THR A 206 25.20 -1.47 -1.67
N VAL A 207 24.49 -2.58 -1.87
CA VAL A 207 23.14 -2.54 -2.39
C VAL A 207 22.23 -1.91 -1.33
N ASP A 208 22.44 -2.30 -0.08
CA ASP A 208 21.64 -1.77 1.02
C ASP A 208 21.74 -0.25 1.10
N VAL A 209 22.96 0.26 1.16
CA VAL A 209 23.18 1.69 1.29
C VAL A 209 22.73 2.47 0.05
N TYR A 210 22.96 1.88 -1.12
CA TYR A 210 22.59 2.51 -2.38
C TYR A 210 21.09 2.80 -2.46
N LEU A 211 20.28 1.80 -2.17
CA LEU A 211 18.82 1.94 -2.23
C LEU A 211 18.28 2.94 -1.23
N LYS A 212 18.84 2.93 -0.03
CA LYS A 212 18.41 3.85 0.98
C LYS A 212 18.79 5.28 0.60
N ASP A 213 19.90 5.42 -0.12
CA ASP A 213 20.31 6.74 -0.60
C ASP A 213 19.38 7.19 -1.73
N ALA A 214 19.11 6.28 -2.66
CA ALA A 214 18.25 6.57 -3.80
C ALA A 214 16.87 7.08 -3.37
N ILE A 215 16.24 6.39 -2.43
CA ILE A 215 14.91 6.81 -1.99
C ILE A 215 14.93 8.19 -1.36
N LYS A 216 16.04 8.56 -0.72
CA LYS A 216 16.14 9.86 -0.10
C LYS A 216 16.12 10.95 -1.16
N MET A 217 16.66 10.64 -2.34
CA MET A 217 16.67 11.61 -3.43
C MET A 217 15.24 11.94 -3.82
N TRP A 218 14.41 10.91 -3.97
CA TRP A 218 13.04 11.11 -4.37
C TRP A 218 12.20 11.79 -3.31
N LEU A 219 12.51 11.52 -2.05
CA LEU A 219 11.78 12.15 -0.96
C LEU A 219 12.06 13.64 -1.04
N ASP A 220 13.32 13.98 -1.28
CA ASP A 220 13.74 15.37 -1.38
C ASP A 220 13.10 16.05 -2.58
N LEU A 221 12.69 15.28 -3.57
CA LEU A 221 12.06 15.85 -4.77
C LEU A 221 10.60 16.19 -4.53
N GLY A 222 10.08 15.77 -3.38
CA GLY A 222 8.71 16.13 -2.98
C GLY A 222 7.58 15.14 -3.10
N ILE A 223 7.89 13.87 -3.33
CA ILE A 223 6.83 12.86 -3.46
C ILE A 223 5.98 12.74 -2.18
N ASP A 224 4.73 12.30 -2.33
CA ASP A 224 3.82 12.19 -1.18
C ASP A 224 3.60 10.77 -0.70
N GLY A 225 4.00 9.80 -1.52
CA GLY A 225 3.82 8.41 -1.13
C GLY A 225 4.63 7.47 -2.01
N ILE A 226 4.72 6.23 -1.56
CA ILE A 226 5.46 5.23 -2.30
C ILE A 226 4.66 3.93 -2.45
N ARG A 227 4.66 3.37 -3.66
CA ARG A 227 4.07 2.06 -3.91
C ARG A 227 5.25 1.12 -4.12
N MET A 228 5.41 0.19 -3.19
CA MET A 228 6.54 -0.74 -3.25
C MET A 228 6.16 -1.97 -3.99
N ASP A 229 6.92 -2.25 -5.04
CA ASP A 229 6.66 -3.39 -5.89
C ASP A 229 7.29 -4.69 -5.36
N ALA A 230 6.57 -5.80 -5.56
CA ALA A 230 7.01 -7.14 -5.19
C ALA A 230 7.50 -7.32 -3.75
N VAL A 231 6.72 -6.86 -2.77
CA VAL A 231 7.14 -6.99 -1.38
C VAL A 231 7.16 -8.40 -0.84
N LYS A 232 6.43 -9.30 -1.48
CA LYS A 232 6.40 -10.70 -1.06
C LYS A 232 7.71 -11.37 -1.48
N HIS A 233 8.51 -10.66 -2.27
CA HIS A 233 9.79 -11.14 -2.81
C HIS A 233 11.09 -10.57 -2.30
N MET A 234 11.03 -9.79 -1.22
CA MET A 234 12.22 -9.21 -0.61
C MET A 234 12.18 -9.61 0.86
N PRO A 235 13.34 -9.66 1.53
CA PRO A 235 13.35 -10.06 2.93
C PRO A 235 12.52 -9.07 3.74
N PHE A 236 11.68 -9.60 4.62
CA PHE A 236 10.81 -8.75 5.44
C PHE A 236 11.57 -7.85 6.40
N GLY A 237 12.66 -8.39 6.98
CA GLY A 237 13.51 -7.64 7.90
C GLY A 237 14.20 -6.47 7.19
N TRP A 238 14.68 -6.70 5.97
CA TRP A 238 15.32 -5.61 5.25
C TRP A 238 14.30 -4.52 4.95
N GLN A 239 13.11 -4.92 4.55
CA GLN A 239 12.06 -3.97 4.23
C GLN A 239 11.71 -3.11 5.40
N LYS A 240 11.66 -3.71 6.59
CA LYS A 240 11.38 -2.93 7.80
C LYS A 240 12.49 -1.89 8.01
N SER A 241 13.73 -2.31 7.77
CA SER A 241 14.87 -1.40 7.93
C SER A 241 14.78 -0.30 6.88
N PHE A 242 14.21 -0.64 5.71
CA PHE A 242 14.03 0.34 4.64
C PHE A 242 12.93 1.34 5.03
N MET A 243 11.86 0.84 5.64
CA MET A 243 10.76 1.72 6.03
C MET A 243 11.21 2.63 7.15
N ALA A 244 12.10 2.12 8.00
CA ALA A 244 12.62 2.91 9.11
C ALA A 244 13.49 4.05 8.57
N ALA A 245 14.23 3.78 7.50
CA ALA A 245 15.08 4.79 6.87
C ALA A 245 14.23 5.92 6.32
N VAL A 246 13.10 5.59 5.74
CA VAL A 246 12.20 6.59 5.22
C VAL A 246 11.51 7.37 6.35
N ASN A 247 10.92 6.64 7.29
CA ASN A 247 10.20 7.27 8.40
C ASN A 247 11.09 8.10 9.29
N ASN A 248 12.33 7.67 9.49
CA ASN A 248 13.23 8.41 10.37
C ASN A 248 13.84 9.61 9.67
N TYR A 249 13.49 9.79 8.41
CA TYR A 249 14.01 10.90 7.62
C TYR A 249 12.89 11.85 7.19
N LYS A 250 12.03 11.38 6.28
CA LYS A 250 10.90 12.14 5.79
C LYS A 250 9.79 11.13 5.51
N PRO A 251 8.98 10.85 6.53
CA PRO A 251 7.90 9.90 6.39
C PRO A 251 6.84 10.23 5.32
N VAL A 252 6.46 9.21 4.56
CA VAL A 252 5.41 9.33 3.56
C VAL A 252 4.64 8.02 3.57
N PHE A 253 3.37 8.08 3.20
CA PHE A 253 2.52 6.91 3.14
C PHE A 253 3.09 5.89 2.16
N THR A 254 3.33 4.68 2.64
CA THR A 254 3.90 3.63 1.80
C THR A 254 3.02 2.39 1.85
N PHE A 255 2.79 1.79 0.69
CA PHE A 255 1.99 0.57 0.61
C PHE A 255 2.64 -0.38 -0.38
N GLY A 256 2.63 -1.67 -0.07
CA GLY A 256 3.27 -2.65 -0.94
C GLY A 256 2.36 -3.60 -1.69
N GLU A 257 2.95 -4.23 -2.70
CA GLU A 257 2.25 -5.19 -3.52
C GLU A 257 2.54 -6.62 -3.07
N TRP A 258 1.52 -7.27 -2.53
CA TRP A 258 1.60 -8.67 -2.10
C TRP A 258 0.44 -9.39 -2.78
N PHE A 259 0.72 -9.98 -3.94
CA PHE A 259 -0.31 -10.65 -4.69
C PHE A 259 -1.00 -11.81 -3.98
N LEU A 260 -2.31 -11.82 -4.04
CA LEU A 260 -3.16 -12.88 -3.49
C LEU A 260 -4.12 -13.32 -4.59
N GLY A 261 -4.27 -14.63 -4.75
CA GLY A 261 -5.19 -15.13 -5.77
C GLY A 261 -6.59 -15.24 -5.18
N VAL A 262 -7.51 -15.72 -6.00
CA VAL A 262 -8.89 -15.89 -5.59
C VAL A 262 -8.97 -16.82 -4.39
N ASN A 263 -9.73 -16.40 -3.40
CA ASN A 263 -9.93 -17.17 -2.18
C ASN A 263 -8.68 -17.40 -1.35
N GLU A 264 -7.61 -16.72 -1.67
CA GLU A 264 -6.41 -16.90 -0.88
C GLU A 264 -6.42 -15.96 0.32
N VAL A 265 -6.16 -16.51 1.49
CA VAL A 265 -6.09 -15.72 2.70
C VAL A 265 -4.79 -16.07 3.36
N SER A 266 -3.86 -15.12 3.39
CA SER A 266 -2.54 -15.36 3.93
C SER A 266 -2.25 -14.66 5.24
N PRO A 267 -1.81 -15.47 6.21
CA PRO A 267 -1.47 -15.00 7.55
C PRO A 267 -0.13 -14.27 7.53
N GLU A 268 0.74 -14.64 6.59
CA GLU A 268 2.03 -14.00 6.43
C GLU A 268 1.78 -12.58 5.90
N ASN A 269 0.78 -12.48 5.03
CA ASN A 269 0.40 -11.20 4.46
C ASN A 269 -0.09 -10.29 5.60
N HIS A 270 -0.90 -10.85 6.49
CA HIS A 270 -1.45 -10.08 7.61
C HIS A 270 -0.34 -9.56 8.52
N LYS A 271 0.56 -10.46 8.88
CA LYS A 271 1.67 -10.14 9.77
C LYS A 271 2.56 -9.06 9.17
N PHE A 272 2.82 -9.16 7.87
CA PHE A 272 3.64 -8.18 7.20
C PHE A 272 2.98 -6.80 7.24
N ALA A 273 1.67 -6.73 6.97
CA ALA A 273 0.94 -5.45 7.00
C ALA A 273 0.88 -4.87 8.41
N ASN A 274 0.84 -5.76 9.39
CA ASN A 274 0.78 -5.35 10.79
C ASN A 274 2.11 -4.99 11.43
N GLU A 275 3.21 -5.51 10.88
CA GLU A 275 4.50 -5.27 11.50
C GLU A 275 5.62 -4.61 10.73
N SER A 276 5.51 -4.53 9.41
CA SER A 276 6.58 -3.97 8.58
C SER A 276 6.69 -2.46 8.59
N GLY A 277 5.65 -1.77 9.00
CA GLY A 277 5.69 -0.33 8.98
C GLY A 277 4.89 0.18 7.78
N MET A 278 4.65 -0.68 6.79
CA MET A 278 3.85 -0.28 5.62
C MET A 278 2.54 -1.07 5.51
N SER A 279 1.59 -0.52 4.76
CA SER A 279 0.32 -1.22 4.53
C SER A 279 0.38 -1.93 3.17
N LEU A 280 -0.71 -2.53 2.72
CA LEU A 280 -0.66 -3.27 1.47
C LEU A 280 -1.78 -2.99 0.50
N LEU A 281 -1.60 -3.43 -0.75
CA LEU A 281 -2.64 -3.31 -1.76
C LEU A 281 -3.62 -4.41 -1.36
N ASP A 282 -4.88 -4.05 -1.17
CA ASP A 282 -5.90 -4.99 -0.69
C ASP A 282 -6.37 -6.02 -1.72
N PHE A 283 -5.56 -7.05 -1.96
CA PHE A 283 -5.90 -8.10 -2.92
C PHE A 283 -7.08 -8.97 -2.49
N ARG A 284 -7.23 -9.14 -1.18
CA ARG A 284 -8.33 -9.90 -0.64
C ARG A 284 -9.63 -9.19 -1.02
N PHE A 285 -9.65 -7.88 -0.82
CA PHE A 285 -10.80 -7.06 -1.14
C PHE A 285 -11.11 -7.13 -2.65
N ALA A 286 -10.09 -6.88 -3.48
CA ALA A 286 -10.26 -6.88 -4.94
C ALA A 286 -10.75 -8.21 -5.51
N GLN A 287 -10.10 -9.31 -5.14
CA GLN A 287 -10.49 -10.61 -5.67
C GLN A 287 -11.94 -10.90 -5.33
N LYS A 288 -12.35 -10.58 -4.11
CA LYS A 288 -13.72 -10.83 -3.68
C LYS A 288 -14.74 -9.94 -4.40
N VAL A 289 -14.38 -8.69 -4.60
CA VAL A 289 -15.25 -7.75 -5.29
C VAL A 289 -15.48 -8.22 -6.74
N ARG A 290 -14.47 -8.84 -7.34
CA ARG A 290 -14.58 -9.31 -8.70
C ARG A 290 -15.48 -10.55 -8.75
N GLN A 291 -15.33 -11.41 -7.74
CA GLN A 291 -16.11 -12.63 -7.63
C GLN A 291 -17.58 -12.30 -7.49
N VAL A 292 -17.86 -11.27 -6.70
CA VAL A 292 -19.23 -10.86 -6.42
C VAL A 292 -19.94 -10.01 -7.47
N PHE A 293 -19.27 -8.98 -7.99
CA PHE A 293 -19.90 -8.08 -8.97
C PHE A 293 -19.53 -8.37 -10.39
N ARG A 294 -18.43 -9.08 -10.60
CA ARG A 294 -17.99 -9.34 -11.95
C ARG A 294 -18.25 -10.74 -12.50
N ASP A 295 -17.61 -11.73 -11.89
CA ASP A 295 -17.70 -13.12 -12.33
C ASP A 295 -18.85 -13.90 -11.69
N ASN A 296 -19.50 -13.29 -10.72
CA ASN A 296 -20.63 -13.92 -10.02
C ASN A 296 -20.34 -15.32 -9.49
N THR A 297 -19.15 -15.50 -8.90
CA THR A 297 -18.76 -16.77 -8.35
C THR A 297 -18.85 -16.82 -6.82
N ASP A 298 -19.43 -15.78 -6.25
CA ASP A 298 -19.68 -15.72 -4.80
C ASP A 298 -20.77 -14.69 -4.64
N ASN A 299 -21.43 -14.68 -3.49
CA ASN A 299 -22.50 -13.72 -3.29
C ASN A 299 -22.25 -12.77 -2.13
N MET A 300 -23.29 -12.02 -1.76
CA MET A 300 -23.20 -11.04 -0.70
C MET A 300 -22.74 -11.55 0.65
N TYR A 301 -22.96 -12.81 0.95
CA TYR A 301 -22.50 -13.32 2.23
C TYR A 301 -21.00 -13.42 2.25
N GLY A 302 -20.43 -13.69 1.07
CA GLY A 302 -18.98 -13.78 0.92
C GLY A 302 -18.32 -12.39 1.00
N LEU A 303 -19.01 -11.37 0.53
CA LEU A 303 -18.49 -10.01 0.59
C LEU A 303 -18.46 -9.59 2.06
N LYS A 304 -19.54 -9.89 2.75
CA LYS A 304 -19.66 -9.57 4.15
C LYS A 304 -18.58 -10.23 4.97
N ALA A 305 -18.31 -11.49 4.66
CA ALA A 305 -17.29 -12.21 5.39
C ALA A 305 -15.92 -11.59 5.19
N MET A 306 -15.64 -11.11 3.97
CA MET A 306 -14.37 -10.48 3.67
C MET A 306 -14.25 -9.16 4.44
N LEU A 307 -15.34 -8.42 4.52
CA LEU A 307 -15.34 -7.16 5.24
C LEU A 307 -15.11 -7.36 6.74
N GLU A 308 -15.82 -8.31 7.36
CA GLU A 308 -15.68 -8.56 8.80
C GLU A 308 -14.34 -9.18 9.12
N GLY A 309 -13.90 -10.10 8.28
CA GLY A 309 -12.64 -10.78 8.50
C GLY A 309 -11.47 -9.82 8.42
N SER A 310 -11.34 -9.13 7.30
CA SER A 310 -10.24 -8.19 7.12
C SER A 310 -10.17 -7.15 8.25
N ALA A 311 -11.31 -6.65 8.67
CA ALA A 311 -11.34 -5.67 9.76
C ALA A 311 -10.73 -6.26 11.01
N ALA A 312 -10.74 -7.58 11.10
CA ALA A 312 -10.19 -8.27 12.27
C ALA A 312 -8.71 -8.64 12.07
N ASP A 313 -8.37 -9.02 10.85
CA ASP A 313 -7.01 -9.44 10.53
C ASP A 313 -5.98 -8.35 10.37
N TYR A 314 -6.40 -7.20 9.87
CA TYR A 314 -5.49 -6.09 9.68
C TYR A 314 -5.60 -5.13 10.86
N ALA A 315 -4.47 -4.82 11.50
CA ALA A 315 -4.47 -3.90 12.63
C ALA A 315 -4.90 -2.53 12.12
N GLN A 316 -4.55 -2.20 10.89
CA GLN A 316 -4.94 -0.91 10.36
C GLN A 316 -5.65 -1.14 9.04
N VAL A 317 -6.91 -1.56 9.11
CA VAL A 317 -7.69 -1.84 7.91
C VAL A 317 -7.88 -0.59 7.01
N ASP A 318 -7.91 0.60 7.62
CA ASP A 318 -8.11 1.84 6.86
C ASP A 318 -6.91 2.31 6.05
N ASP A 319 -5.80 1.59 6.13
CA ASP A 319 -4.60 1.94 5.37
C ASP A 319 -4.39 1.03 4.17
N GLN A 320 -5.21 -0.01 4.05
CA GLN A 320 -5.07 -0.95 2.93
C GLN A 320 -5.60 -0.28 1.68
N VAL A 321 -4.90 -0.43 0.57
CA VAL A 321 -5.29 0.19 -0.68
C VAL A 321 -6.18 -0.67 -1.57
N THR A 322 -7.43 -0.26 -1.72
CA THR A 322 -8.42 -1.01 -2.49
C THR A 322 -8.47 -0.70 -3.97
N PHE A 323 -8.96 -1.67 -4.73
CA PHE A 323 -9.06 -1.55 -6.18
C PHE A 323 -9.90 -2.70 -6.72
N ILE A 324 -10.30 -2.58 -8.00
CA ILE A 324 -11.10 -3.59 -8.66
C ILE A 324 -10.36 -4.22 -9.84
N ASP A 325 -9.26 -3.59 -10.22
CA ASP A 325 -8.39 -4.11 -11.27
C ASP A 325 -7.11 -3.29 -11.30
N ASN A 326 -6.12 -3.75 -12.05
CA ASN A 326 -4.86 -3.04 -12.17
C ASN A 326 -4.13 -3.56 -13.38
N HIS A 327 -2.87 -3.17 -13.53
CA HIS A 327 -2.04 -3.55 -14.68
C HIS A 327 -1.67 -5.03 -14.78
N ASP A 328 -2.07 -5.82 -13.80
CA ASP A 328 -1.73 -7.24 -13.79
C ASP A 328 -2.95 -8.13 -13.78
N MET A 329 -4.09 -7.55 -14.12
CA MET A 329 -5.34 -8.30 -14.14
C MET A 329 -6.11 -7.89 -15.37
N GLU A 330 -7.09 -8.70 -15.73
CA GLU A 330 -7.96 -8.38 -16.85
C GLU A 330 -8.75 -7.17 -16.39
N ARG A 331 -9.08 -6.26 -17.30
CA ARG A 331 -9.85 -5.10 -16.90
C ARG A 331 -11.22 -5.57 -16.40
N PHE A 332 -11.73 -4.91 -15.36
CA PHE A 332 -13.00 -5.28 -14.77
C PHE A 332 -14.11 -5.37 -15.81
N HIS A 333 -14.21 -4.34 -16.65
CA HIS A 333 -15.24 -4.32 -17.66
C HIS A 333 -14.94 -5.21 -18.86
N ALA A 334 -15.84 -6.14 -19.15
CA ALA A 334 -15.71 -7.01 -20.32
C ALA A 334 -16.56 -6.36 -21.42
N SER A 335 -16.07 -6.38 -22.65
CA SER A 335 -16.72 -5.72 -23.82
C SER A 335 -18.23 -5.88 -24.00
N ASN A 336 -18.69 -7.04 -23.64
CA ASN A 336 -20.04 -7.52 -23.76
C ASN A 336 -20.87 -7.42 -22.48
N ALA A 337 -20.22 -7.07 -21.38
CA ALA A 337 -20.91 -7.01 -20.10
C ALA A 337 -21.75 -5.78 -19.89
N ASN A 338 -22.67 -5.88 -18.93
CA ASN A 338 -23.50 -4.75 -18.60
C ASN A 338 -22.63 -3.77 -17.81
N ARG A 339 -22.63 -2.52 -18.24
CA ARG A 339 -21.83 -1.49 -17.62
C ARG A 339 -22.16 -1.25 -16.15
N ARG A 340 -23.40 -1.50 -15.78
CA ARG A 340 -23.79 -1.28 -14.41
C ARG A 340 -22.94 -2.07 -13.41
N LYS A 341 -22.35 -3.18 -13.84
CA LYS A 341 -21.51 -3.97 -12.94
C LYS A 341 -20.28 -3.18 -12.50
N LEU A 342 -19.65 -2.50 -13.46
CA LEU A 342 -18.48 -1.68 -13.17
C LEU A 342 -18.88 -0.50 -12.31
N GLU A 343 -19.97 0.17 -12.68
CA GLU A 343 -20.43 1.32 -11.92
C GLU A 343 -20.68 1.01 -10.46
N GLN A 344 -21.29 -0.15 -10.19
CA GLN A 344 -21.59 -0.57 -8.83
C GLN A 344 -20.32 -0.89 -8.07
N ALA A 345 -19.40 -1.59 -8.71
CA ALA A 345 -18.14 -1.95 -8.07
C ALA A 345 -17.37 -0.67 -7.67
N LEU A 346 -17.47 0.36 -8.50
CA LEU A 346 -16.81 1.65 -8.26
C LEU A 346 -17.44 2.30 -7.06
N ALA A 347 -18.76 2.34 -7.05
CA ALA A 347 -19.50 2.95 -5.95
C ALA A 347 -19.20 2.25 -4.62
N PHE A 348 -19.10 0.93 -4.65
CA PHE A 348 -18.82 0.14 -3.46
C PHE A 348 -17.42 0.46 -2.94
N THR A 349 -16.44 0.43 -3.83
CA THR A 349 -15.05 0.69 -3.48
C THR A 349 -14.83 2.10 -2.95
N LEU A 350 -15.48 3.07 -3.57
CA LEU A 350 -15.32 4.46 -3.16
C LEU A 350 -15.90 4.78 -1.79
N THR A 351 -16.91 4.02 -1.35
CA THR A 351 -17.54 4.27 -0.04
C THR A 351 -17.13 3.25 1.03
N SER A 352 -16.23 2.35 0.67
CA SER A 352 -15.77 1.32 1.60
C SER A 352 -14.51 1.75 2.32
N ARG A 353 -14.17 1.05 3.42
CA ARG A 353 -12.97 1.36 4.22
C ARG A 353 -11.68 1.17 3.41
N GLY A 354 -10.63 1.91 3.79
CA GLY A 354 -9.35 1.77 3.11
C GLY A 354 -9.02 2.98 2.25
N VAL A 355 -8.12 2.79 1.29
CA VAL A 355 -7.69 3.86 0.37
C VAL A 355 -7.97 3.41 -1.07
N PRO A 356 -9.01 3.95 -1.69
CA PRO A 356 -9.35 3.53 -3.05
C PRO A 356 -8.43 3.98 -4.16
N ALA A 357 -8.09 3.05 -5.03
CA ALA A 357 -7.26 3.34 -6.18
C ALA A 357 -8.04 2.96 -7.46
N ILE A 358 -8.04 3.86 -8.44
CA ILE A 358 -8.71 3.63 -9.72
C ILE A 358 -7.69 3.56 -10.86
N TYR A 359 -7.70 2.45 -11.58
CA TYR A 359 -6.80 2.24 -12.71
C TYR A 359 -7.24 3.11 -13.90
N TYR A 360 -6.32 3.91 -14.46
CA TYR A 360 -6.62 4.82 -15.57
C TYR A 360 -7.49 4.19 -16.67
N GLY A 361 -8.52 4.91 -17.12
CA GLY A 361 -9.37 4.40 -18.21
C GLY A 361 -10.63 3.67 -17.75
N THR A 362 -10.70 3.31 -16.48
CA THR A 362 -11.85 2.63 -15.90
C THR A 362 -13.12 3.43 -16.18
N GLU A 363 -13.05 4.74 -15.95
CA GLU A 363 -14.15 5.68 -16.15
C GLU A 363 -14.53 5.84 -17.63
N GLN A 364 -13.74 5.21 -18.51
CA GLN A 364 -14.01 5.23 -19.95
C GLN A 364 -14.46 3.83 -20.42
N TYR A 365 -14.66 2.90 -19.48
CA TYR A 365 -15.08 1.55 -19.79
C TYR A 365 -14.13 0.78 -20.66
N MET A 366 -12.83 0.94 -20.42
CA MET A 366 -11.83 0.22 -21.18
C MET A 366 -11.93 -1.28 -20.86
N SER A 367 -11.71 -2.11 -21.89
CA SER A 367 -11.74 -3.56 -21.75
C SER A 367 -10.39 -4.06 -22.21
N GLY A 368 -10.06 -5.29 -21.85
CA GLY A 368 -8.78 -5.86 -22.26
C GLY A 368 -8.35 -6.99 -21.33
N GLY A 369 -7.65 -7.96 -21.90
CA GLY A 369 -7.20 -9.09 -21.12
C GLY A 369 -5.91 -8.78 -20.38
N THR A 370 -5.15 -9.82 -20.11
CA THR A 370 -3.90 -9.67 -19.41
C THR A 370 -2.83 -8.95 -20.23
N ASP A 371 -1.73 -8.63 -19.56
CA ASP A 371 -0.57 -7.94 -20.13
C ASP A 371 -0.24 -8.50 -21.51
N PRO A 372 -0.19 -7.64 -22.53
CA PRO A 372 -0.33 -6.19 -22.37
C PRO A 372 -1.68 -5.57 -22.75
N ASP A 373 -2.70 -6.38 -23.01
CA ASP A 373 -4.00 -5.83 -23.44
C ASP A 373 -4.71 -4.93 -22.43
N ASN A 374 -4.32 -5.05 -21.17
CA ASN A 374 -4.93 -4.24 -20.12
C ASN A 374 -4.24 -2.88 -20.01
N ARG A 375 -3.26 -2.65 -20.87
CA ARG A 375 -2.51 -1.41 -20.86
C ARG A 375 -2.58 -0.57 -22.15
N ALA A 376 -3.77 -0.44 -22.72
CA ALA A 376 -3.95 0.34 -23.95
C ALA A 376 -3.97 1.85 -23.67
N ARG A 377 -3.74 2.64 -24.71
CA ARG A 377 -3.76 4.09 -24.55
C ARG A 377 -5.19 4.49 -24.21
N ILE A 378 -5.35 5.42 -23.27
CA ILE A 378 -6.68 5.87 -22.90
C ILE A 378 -7.35 6.49 -24.13
N PRO A 379 -8.49 5.94 -24.50
CA PRO A 379 -9.21 6.36 -25.71
C PRO A 379 -9.77 7.77 -25.78
N SER A 380 -10.13 8.33 -24.63
CA SER A 380 -10.71 9.66 -24.64
C SER A 380 -10.73 10.30 -23.28
N PHE A 381 -10.95 11.60 -23.29
CA PHE A 381 -11.02 12.39 -22.09
C PHE A 381 -12.39 13.01 -21.95
N SER A 382 -13.41 12.16 -22.06
CA SER A 382 -14.77 12.63 -21.96
C SER A 382 -15.25 12.59 -20.52
N THR A 383 -15.93 13.64 -20.11
CA THR A 383 -16.44 13.69 -18.75
C THR A 383 -17.91 13.30 -18.76
N SER A 384 -18.39 12.79 -19.89
CA SER A 384 -19.80 12.45 -20.01
C SER A 384 -20.24 11.02 -19.74
N THR A 385 -19.34 10.19 -19.25
CA THR A 385 -19.70 8.82 -18.95
C THR A 385 -20.35 8.75 -17.57
N THR A 386 -21.11 7.67 -17.34
CA THR A 386 -21.75 7.46 -16.04
C THR A 386 -20.68 7.16 -15.00
N ALA A 387 -19.67 6.39 -15.40
CA ALA A 387 -18.58 6.06 -14.48
C ALA A 387 -17.87 7.32 -14.01
N TYR A 388 -17.53 8.22 -14.93
CA TYR A 388 -16.86 9.47 -14.56
C TYR A 388 -17.74 10.23 -13.54
N GLN A 389 -19.03 10.27 -13.79
CA GLN A 389 -19.96 10.97 -12.90
C GLN A 389 -20.12 10.34 -11.52
N VAL A 390 -20.03 9.03 -11.45
CA VAL A 390 -20.17 8.32 -10.17
C VAL A 390 -18.99 8.72 -9.27
N ILE A 391 -17.79 8.69 -9.85
CA ILE A 391 -16.59 9.05 -9.12
C ILE A 391 -16.66 10.49 -8.66
N GLN A 392 -17.12 11.33 -9.57
CA GLN A 392 -17.26 12.75 -9.32
C GLN A 392 -18.20 13.04 -8.16
N LYS A 393 -19.23 12.22 -8.00
CA LYS A 393 -20.18 12.44 -6.92
C LYS A 393 -19.71 11.81 -5.62
N LEU A 394 -18.98 10.70 -5.72
CA LEU A 394 -18.58 10.00 -4.51
C LEU A 394 -17.21 10.30 -3.95
N ALA A 395 -16.23 10.54 -4.81
CA ALA A 395 -14.87 10.83 -4.32
C ALA A 395 -14.84 11.92 -3.25
N PRO A 396 -15.52 13.02 -3.50
CA PRO A 396 -15.52 14.11 -2.54
C PRO A 396 -16.03 13.75 -1.15
N LEU A 397 -16.86 12.72 -1.03
CA LEU A 397 -17.37 12.34 0.28
C LEU A 397 -16.28 11.90 1.23
N ARG A 398 -15.19 11.36 0.69
CA ARG A 398 -14.10 10.90 1.54
C ARG A 398 -13.46 12.09 2.27
N LYS A 399 -13.61 13.27 1.70
CA LYS A 399 -13.04 14.48 2.31
C LYS A 399 -14.04 15.12 3.28
N CYS A 400 -15.32 15.13 2.90
CA CYS A 400 -16.30 15.79 3.73
C CYS A 400 -17.05 14.95 4.73
N ASN A 401 -16.95 13.63 4.62
CA ASN A 401 -17.65 12.75 5.55
C ASN A 401 -16.68 11.75 6.18
N PRO A 402 -16.18 12.07 7.37
CA PRO A 402 -15.21 11.22 8.05
C PRO A 402 -15.65 9.79 8.26
N ALA A 403 -16.97 9.53 8.26
CA ALA A 403 -17.46 8.16 8.42
C ALA A 403 -16.92 7.29 7.25
N ILE A 404 -16.80 7.90 6.07
CA ILE A 404 -16.28 7.17 4.92
C ILE A 404 -14.75 6.96 4.98
N ALA A 405 -14.02 7.98 5.42
CA ALA A 405 -12.57 7.89 5.53
C ALA A 405 -12.10 7.05 6.72
N TYR A 406 -12.75 7.21 7.88
CA TYR A 406 -12.32 6.51 9.09
C TYR A 406 -13.31 5.58 9.80
N GLY A 407 -14.55 5.52 9.35
CA GLY A 407 -15.55 4.74 10.06
C GLY A 407 -15.44 3.22 10.08
N SER A 408 -16.18 2.64 11.03
CA SER A 408 -16.29 1.21 11.16
C SER A 408 -17.26 0.83 10.05
N THR A 409 -17.43 -0.46 9.79
CA THR A 409 -18.34 -0.92 8.75
C THR A 409 -19.29 -1.91 9.39
N GLN A 410 -20.58 -1.75 9.14
CA GLN A 410 -21.55 -2.66 9.73
C GLN A 410 -22.63 -3.05 8.74
N GLU A 411 -22.89 -4.34 8.64
CA GLU A 411 -23.94 -4.81 7.74
C GLU A 411 -25.29 -4.52 8.41
N ARG A 412 -26.24 -3.93 7.70
CA ARG A 412 -27.56 -3.70 8.31
C ARG A 412 -28.68 -4.46 7.61
N TRP A 413 -28.41 -5.02 6.44
CA TRP A 413 -29.42 -5.78 5.70
C TRP A 413 -28.70 -6.58 4.64
N ILE A 414 -29.08 -7.84 4.49
CA ILE A 414 -28.39 -8.64 3.52
C ILE A 414 -29.14 -9.87 3.03
N ASN A 415 -28.94 -10.19 1.76
CA ASN A 415 -29.44 -11.40 1.14
C ASN A 415 -28.41 -11.79 0.09
N ASN A 416 -28.71 -12.73 -0.79
CA ASN A 416 -27.74 -13.17 -1.79
C ASN A 416 -27.25 -12.05 -2.69
N ASP A 417 -28.16 -11.17 -3.07
CA ASP A 417 -27.87 -10.13 -4.05
C ASP A 417 -27.79 -8.71 -3.53
N VAL A 418 -28.30 -8.50 -2.33
CA VAL A 418 -28.34 -7.17 -1.73
C VAL A 418 -27.43 -7.04 -0.51
N LEU A 419 -26.77 -5.90 -0.39
CA LEU A 419 -25.96 -5.61 0.77
C LEU A 419 -26.18 -4.15 1.14
N ILE A 420 -26.58 -3.91 2.38
CA ILE A 420 -26.76 -2.56 2.84
C ILE A 420 -25.82 -2.42 4.03
N TYR A 421 -24.87 -1.49 3.94
CA TYR A 421 -23.91 -1.28 5.02
C TYR A 421 -23.84 0.15 5.53
N GLU A 422 -23.35 0.30 6.75
CA GLU A 422 -23.26 1.59 7.39
C GLU A 422 -21.83 1.87 7.82
N ARG A 423 -21.38 3.09 7.56
CA ARG A 423 -20.05 3.56 7.96
C ARG A 423 -20.35 4.59 9.05
N LYS A 424 -19.60 4.56 10.14
CA LYS A 424 -19.85 5.49 11.23
C LYS A 424 -18.56 5.95 11.89
N PHE A 425 -18.48 7.24 12.20
CA PHE A 425 -17.31 7.82 12.87
C PHE A 425 -17.76 9.11 13.56
N GLY A 426 -17.70 9.13 14.88
CA GLY A 426 -18.12 10.32 15.61
C GLY A 426 -19.58 10.55 15.29
N SER A 427 -19.96 11.80 15.01
CA SER A 427 -21.34 12.11 14.69
C SER A 427 -21.53 12.13 13.17
N ASN A 428 -20.97 11.15 12.50
CA ASN A 428 -21.06 11.06 11.06
C ASN A 428 -21.46 9.64 10.65
N VAL A 429 -22.42 9.56 9.72
CA VAL A 429 -22.92 8.29 9.23
C VAL A 429 -23.13 8.28 7.73
N ALA A 430 -22.87 7.13 7.13
CA ALA A 430 -23.12 6.92 5.71
C ALA A 430 -23.71 5.51 5.58
N VAL A 431 -24.80 5.40 4.82
CA VAL A 431 -25.44 4.11 4.61
C VAL A 431 -25.46 3.89 3.11
N VAL A 432 -24.95 2.74 2.68
CA VAL A 432 -24.90 2.44 1.27
C VAL A 432 -25.71 1.18 0.95
N ALA A 433 -26.56 1.25 -0.07
CA ALA A 433 -27.37 0.11 -0.48
C ALA A 433 -27.00 -0.32 -1.89
N VAL A 434 -26.73 -1.61 -2.07
CA VAL A 434 -26.33 -2.14 -3.37
C VAL A 434 -27.11 -3.43 -3.67
N ASN A 435 -27.72 -3.48 -4.86
CA ASN A 435 -28.46 -4.66 -5.31
C ASN A 435 -27.79 -5.11 -6.61
N ARG A 436 -26.91 -6.12 -6.50
CA ARG A 436 -26.17 -6.61 -7.68
C ARG A 436 -27.05 -7.30 -8.70
N ASN A 437 -28.28 -7.66 -8.32
CA ASN A 437 -29.18 -8.34 -9.24
C ASN A 437 -29.70 -7.40 -10.31
N LEU A 438 -29.18 -7.58 -11.50
CA LEU A 438 -29.55 -6.74 -12.63
C LEU A 438 -30.95 -6.98 -13.17
N ASN A 439 -31.61 -8.07 -12.75
CA ASN A 439 -32.95 -8.38 -13.25
C ASN A 439 -34.06 -8.31 -12.24
N ALA A 440 -33.72 -8.30 -10.96
CA ALA A 440 -34.77 -8.29 -9.97
C ALA A 440 -34.61 -7.27 -8.88
N PRO A 441 -35.70 -6.55 -8.63
CA PRO A 441 -35.73 -5.57 -7.55
C PRO A 441 -35.81 -6.36 -6.24
N ALA A 442 -35.70 -5.68 -5.11
CA ALA A 442 -35.78 -6.33 -3.82
C ALA A 442 -36.63 -5.49 -2.90
N SER A 443 -37.36 -6.13 -2.00
CA SER A 443 -38.22 -5.41 -1.06
C SER A 443 -37.47 -5.27 0.24
N ILE A 444 -37.12 -4.06 0.59
CA ILE A 444 -36.40 -3.88 1.84
C ILE A 444 -37.28 -3.44 3.00
N SER A 445 -37.42 -4.33 3.97
CA SER A 445 -38.18 -4.05 5.19
C SER A 445 -37.37 -4.49 6.40
N GLY A 446 -37.50 -3.76 7.49
CA GLY A 446 -36.77 -4.08 8.70
C GLY A 446 -35.36 -3.48 8.74
N LEU A 447 -35.12 -2.46 7.92
CA LEU A 447 -33.82 -1.80 7.90
C LEU A 447 -33.68 -0.84 9.09
N VAL A 448 -32.66 -1.05 9.91
CA VAL A 448 -32.40 -0.18 11.06
C VAL A 448 -31.05 0.50 10.80
N THR A 449 -30.97 1.80 11.07
CA THR A 449 -29.74 2.56 10.86
C THR A 449 -29.47 3.52 12.02
N SER A 450 -28.35 4.23 11.96
CA SER A 450 -28.00 5.20 12.99
C SER A 450 -28.34 6.58 12.49
N LEU A 451 -29.11 6.65 11.41
CA LEU A 451 -29.47 7.96 10.87
C LEU A 451 -30.55 8.59 11.72
N PRO A 452 -30.49 9.91 11.91
CA PRO A 452 -31.51 10.62 12.68
C PRO A 452 -32.81 10.64 11.88
N GLN A 453 -33.92 10.79 12.57
CA GLN A 453 -35.19 10.80 11.86
C GLN A 453 -35.30 11.95 10.88
N GLY A 454 -35.77 11.63 9.68
CA GLY A 454 -35.92 12.59 8.59
C GLY A 454 -35.90 11.84 7.25
N SER A 455 -35.77 12.58 6.15
CA SER A 455 -35.75 11.97 4.82
C SER A 455 -34.39 12.23 4.20
N TYR A 456 -33.89 11.25 3.46
CA TYR A 456 -32.57 11.36 2.86
C TYR A 456 -32.53 11.19 1.36
N ASN A 457 -31.98 12.17 0.67
CA ASN A 457 -31.87 12.06 -0.78
C ASN A 457 -30.67 11.21 -1.13
N ASP A 458 -30.79 10.46 -2.21
CA ASP A 458 -29.70 9.63 -2.69
C ASP A 458 -28.58 10.59 -3.07
N VAL A 459 -27.39 10.38 -2.53
CA VAL A 459 -26.27 11.25 -2.86
C VAL A 459 -25.93 11.16 -4.35
N LEU A 460 -26.22 10.00 -4.95
CA LEU A 460 -25.96 9.81 -6.37
C LEU A 460 -27.03 10.49 -7.21
N GLY A 461 -28.04 11.01 -6.56
CA GLY A 461 -29.12 11.70 -7.27
C GLY A 461 -29.86 10.79 -8.25
N GLY A 462 -29.95 9.50 -7.93
CA GLY A 462 -30.65 8.53 -8.77
C GLY A 462 -29.87 8.07 -9.99
N LEU A 463 -28.61 8.48 -10.08
CA LEU A 463 -27.78 8.10 -11.22
C LEU A 463 -27.76 6.58 -11.43
N LEU A 464 -27.72 5.83 -10.33
CA LEU A 464 -27.72 4.36 -10.40
C LEU A 464 -29.05 3.79 -9.86
N ASN A 465 -30.14 4.48 -10.16
CA ASN A 465 -31.48 4.04 -9.77
C ASN A 465 -31.70 3.94 -8.28
N GLY A 466 -31.01 4.78 -7.51
CA GLY A 466 -31.15 4.82 -6.06
C GLY A 466 -32.41 5.60 -5.73
N ASN A 467 -32.78 5.65 -4.46
CA ASN A 467 -34.01 6.32 -4.05
C ASN A 467 -33.82 7.12 -2.77
N THR A 468 -34.90 7.75 -2.33
CA THR A 468 -34.91 8.52 -1.09
C THR A 468 -35.17 7.55 0.05
N LEU A 469 -34.64 7.86 1.22
CA LEU A 469 -34.83 7.02 2.38
C LEU A 469 -35.57 7.80 3.47
N SER A 470 -36.57 7.16 4.08
CA SER A 470 -37.35 7.78 5.14
C SER A 470 -37.05 7.07 6.43
N VAL A 471 -36.44 7.79 7.38
CA VAL A 471 -36.06 7.19 8.64
C VAL A 471 -36.95 7.68 9.75
N GLY A 472 -37.55 6.76 10.47
CA GLY A 472 -38.43 7.13 11.56
C GLY A 472 -37.62 7.21 12.82
N SER A 473 -38.30 7.08 13.95
CA SER A 473 -37.61 7.11 15.23
C SER A 473 -36.94 5.74 15.41
N GLY A 474 -35.88 5.72 16.20
CA GLY A 474 -35.15 4.49 16.43
C GLY A 474 -34.27 4.17 15.22
N GLY A 475 -34.26 5.06 14.23
CA GLY A 475 -33.44 4.86 13.04
C GLY A 475 -34.03 3.81 12.11
N ALA A 476 -35.25 3.39 12.39
CA ALA A 476 -35.92 2.40 11.57
C ALA A 476 -36.43 3.03 10.28
N ALA A 477 -35.98 2.50 9.14
CA ALA A 477 -36.40 3.00 7.84
C ALA A 477 -37.73 2.38 7.42
N SER A 478 -38.55 3.14 6.72
CA SER A 478 -39.81 2.59 6.26
C SER A 478 -39.46 1.69 5.08
N ASN A 479 -40.36 0.77 4.74
CA ASN A 479 -40.13 -0.15 3.65
C ASN A 479 -39.95 0.53 2.33
N PHE A 480 -39.13 -0.07 1.49
CA PHE A 480 -38.87 0.48 0.17
C PHE A 480 -38.38 -0.59 -0.79
N THR A 481 -38.50 -0.29 -2.09
CA THR A 481 -38.04 -1.19 -3.12
C THR A 481 -36.70 -0.69 -3.60
N LEU A 482 -35.76 -1.61 -3.69
CA LEU A 482 -34.44 -1.28 -4.19
C LEU A 482 -34.40 -1.83 -5.63
N ALA A 483 -34.39 -0.92 -6.60
CA ALA A 483 -34.40 -1.28 -8.01
C ALA A 483 -33.35 -2.30 -8.41
N ALA A 484 -33.60 -2.96 -9.53
CA ALA A 484 -32.65 -3.93 -10.09
C ALA A 484 -31.40 -3.11 -10.45
N GLY A 485 -30.23 -3.60 -10.05
CA GLY A 485 -28.97 -2.88 -10.30
C GLY A 485 -28.89 -1.54 -9.54
N GLY A 486 -29.78 -1.35 -8.57
CA GLY A 486 -29.82 -0.11 -7.80
C GLY A 486 -28.65 0.06 -6.82
N THR A 487 -28.22 1.31 -6.68
CA THR A 487 -27.17 1.69 -5.78
C THR A 487 -27.56 3.07 -5.25
N ALA A 488 -27.58 3.22 -3.94
CA ALA A 488 -27.95 4.47 -3.28
C ALA A 488 -27.05 4.75 -2.09
N VAL A 489 -26.84 6.05 -1.84
CA VAL A 489 -25.99 6.48 -0.74
C VAL A 489 -26.72 7.58 0.03
N TRP A 490 -26.84 7.37 1.35
CA TRP A 490 -27.49 8.32 2.24
C TRP A 490 -26.48 8.66 3.34
N GLN A 491 -26.54 9.88 3.87
CA GLN A 491 -25.57 10.27 4.86
C GLN A 491 -26.05 11.36 5.80
N TYR A 492 -25.28 11.58 6.85
CA TYR A 492 -25.57 12.61 7.85
C TYR A 492 -24.24 13.03 8.48
N THR A 493 -23.99 14.33 8.53
CA THR A 493 -22.78 14.85 9.13
C THR A 493 -23.08 15.93 10.13
N ALA A 494 -22.32 15.94 11.21
CA ALA A 494 -22.48 16.94 12.25
C ALA A 494 -21.16 17.05 12.99
N ALA A 495 -20.97 18.17 13.69
CA ALA A 495 -19.74 18.37 14.44
C ALA A 495 -19.61 17.30 15.51
N THR A 496 -18.40 16.78 15.68
CA THR A 496 -18.11 15.79 16.71
C THR A 496 -17.56 16.60 17.89
N ALA A 497 -18.05 16.32 19.09
CA ALA A 497 -17.63 17.08 20.27
C ALA A 497 -16.50 16.48 21.11
N THR A 498 -16.36 15.17 21.10
CA THR A 498 -15.30 14.54 21.89
C THR A 498 -14.15 14.17 20.98
N PRO A 499 -12.94 14.21 21.52
CA PRO A 499 -11.76 13.88 20.72
C PRO A 499 -11.89 12.44 20.24
N THR A 500 -11.80 12.26 18.93
CA THR A 500 -11.91 10.95 18.31
C THR A 500 -10.77 10.82 17.31
N ILE A 501 -9.86 9.88 17.57
CA ILE A 501 -8.73 9.66 16.68
C ILE A 501 -9.13 8.77 15.52
N GLY A 502 -8.91 9.23 14.30
CA GLY A 502 -9.26 8.42 13.14
C GLY A 502 -8.02 7.77 12.50
N HIS A 503 -6.87 8.43 12.61
CA HIS A 503 -5.68 7.89 11.97
C HIS A 503 -4.39 8.44 12.57
N VAL A 504 -3.31 7.65 12.46
CA VAL A 504 -1.99 8.06 12.92
C VAL A 504 -1.01 7.59 11.86
N GLY A 505 -0.04 8.44 11.54
CA GLY A 505 0.99 8.08 10.56
C GLY A 505 2.22 8.94 10.85
N PRO A 506 3.44 8.39 10.71
CA PRO A 506 3.70 7.00 10.35
C PRO A 506 3.39 6.12 11.56
N MET A 507 3.44 4.80 11.38
CA MET A 507 3.12 3.86 12.45
C MET A 507 4.35 3.30 13.15
N MET A 508 5.52 3.69 12.67
CA MET A 508 6.75 3.18 13.22
C MET A 508 7.86 4.22 13.03
N ALA A 509 8.52 4.60 14.12
CA ALA A 509 9.63 5.56 14.04
C ALA A 509 10.39 5.65 15.36
N LYS A 510 11.58 6.22 15.32
CA LYS A 510 12.40 6.35 16.51
C LYS A 510 12.02 7.65 17.24
N PRO A 511 12.42 7.78 18.50
CA PRO A 511 12.06 9.00 19.25
C PRO A 511 12.54 10.28 18.54
N GLY A 512 11.75 11.34 18.64
CA GLY A 512 12.12 12.60 18.00
C GLY A 512 11.39 12.90 16.69
N VAL A 513 10.96 11.86 15.99
CA VAL A 513 10.25 12.05 14.74
C VAL A 513 8.85 12.60 15.01
N THR A 514 8.34 13.40 14.08
CA THR A 514 7.00 13.96 14.24
C THR A 514 5.97 13.09 13.55
N ILE A 515 4.92 12.76 14.28
CA ILE A 515 3.85 11.95 13.74
C ILE A 515 2.62 12.80 13.62
N THR A 516 1.71 12.38 12.76
CA THR A 516 0.47 13.09 12.49
C THR A 516 -0.72 12.27 12.97
N ILE A 517 -1.51 12.86 13.86
CA ILE A 517 -2.69 12.22 14.43
C ILE A 517 -3.89 12.96 13.85
N ASP A 518 -4.70 12.25 13.06
CA ASP A 518 -5.87 12.83 12.41
C ASP A 518 -7.17 12.32 13.04
N GLY A 519 -8.20 13.16 13.01
CA GLY A 519 -9.48 12.80 13.59
C GLY A 519 -10.42 14.00 13.68
N ARG A 520 -11.30 13.97 14.69
CA ARG A 520 -12.25 15.06 14.90
C ARG A 520 -12.39 15.31 16.40
N GLY A 521 -12.85 16.50 16.74
CA GLY A 521 -13.11 16.87 18.12
C GLY A 521 -11.88 17.16 18.97
N PHE A 522 -10.75 17.45 18.36
CA PHE A 522 -9.54 17.74 19.13
C PHE A 522 -9.61 19.11 19.80
N GLY A 523 -10.44 20.00 19.28
CA GLY A 523 -10.54 21.35 19.82
C GLY A 523 -9.40 22.19 19.26
N SER A 524 -9.39 23.48 19.57
CA SER A 524 -8.34 24.35 19.04
C SER A 524 -7.19 24.72 19.96
N SER A 525 -7.29 24.39 21.25
CA SER A 525 -6.18 24.70 22.14
C SER A 525 -5.43 23.41 22.47
N LYS A 526 -4.11 23.50 22.54
CA LYS A 526 -3.28 22.33 22.83
C LYS A 526 -3.76 21.56 24.05
N GLY A 527 -3.78 20.24 23.94
CA GLY A 527 -4.15 19.36 25.03
C GLY A 527 -2.93 18.50 25.37
N THR A 528 -3.15 17.21 25.56
CA THR A 528 -2.06 16.29 25.88
C THR A 528 -2.14 15.05 25.03
N VAL A 529 -0.98 14.50 24.68
CA VAL A 529 -0.89 13.27 23.88
C VAL A 529 -0.21 12.22 24.76
N TYR A 530 -0.75 11.01 24.82
CA TYR A 530 -0.14 9.95 25.64
C TYR A 530 0.43 8.84 24.80
N PHE A 531 1.66 8.43 25.10
CA PHE A 531 2.28 7.28 24.43
C PHE A 531 2.38 6.27 25.56
N GLY A 532 1.37 5.42 25.67
CA GLY A 532 1.32 4.48 26.77
C GLY A 532 0.86 5.38 27.92
N THR A 533 1.65 5.42 28.99
CA THR A 533 1.33 6.27 30.13
C THR A 533 2.09 7.59 30.11
N THR A 534 3.10 7.69 29.26
CA THR A 534 3.91 8.91 29.16
C THR A 534 3.11 10.03 28.56
N ALA A 535 3.11 11.17 29.24
CA ALA A 535 2.38 12.33 28.73
C ALA A 535 3.29 13.32 28.01
N VAL A 536 2.79 13.86 26.91
CA VAL A 536 3.52 14.85 26.12
C VAL A 536 2.60 16.04 25.95
N SER A 537 3.13 17.22 26.22
CA SER A 537 2.33 18.44 26.09
C SER A 537 3.30 19.59 25.86
N GLY A 538 2.76 20.79 25.67
CA GLY A 538 3.63 21.95 25.44
C GLY A 538 4.35 21.97 24.08
N ALA A 539 5.62 22.33 24.11
CA ALA A 539 6.39 22.48 22.89
C ALA A 539 6.53 21.29 21.96
N ASP A 540 6.66 20.09 22.51
CA ASP A 540 6.84 18.91 21.66
C ASP A 540 5.66 18.65 20.74
N ILE A 541 4.53 19.23 21.11
CA ILE A 541 3.34 19.17 20.31
C ILE A 541 3.49 20.35 19.35
N THR A 542 4.00 20.09 18.17
CA THR A 542 4.24 21.14 17.19
C THR A 542 3.02 21.83 16.57
N SER A 543 1.88 21.15 16.51
CA SER A 543 0.68 21.79 16.00
C SER A 543 -0.55 21.09 16.49
N TRP A 544 -1.59 21.86 16.76
CA TRP A 544 -2.83 21.31 17.27
C TRP A 544 -4.04 22.05 16.74
N GLU A 545 -4.92 21.30 16.08
CA GLU A 545 -6.19 21.81 15.63
C GLU A 545 -7.22 20.71 15.71
N ASP A 546 -8.46 21.10 15.60
CA ASP A 546 -9.57 20.19 15.74
C ASP A 546 -9.48 18.86 14.99
N THR A 547 -8.88 18.88 13.79
CA THR A 547 -8.79 17.65 13.00
C THR A 547 -7.40 17.06 12.83
N GLN A 548 -6.39 17.71 13.38
CA GLN A 548 -5.03 17.21 13.22
C GLN A 548 -4.10 17.70 14.29
N ILE A 549 -3.23 16.82 14.76
CA ILE A 549 -2.22 17.12 15.77
C ILE A 549 -0.87 16.63 15.28
N LYS A 550 0.17 17.45 15.45
CA LYS A 550 1.51 17.03 15.07
C LYS A 550 2.33 17.07 16.34
N VAL A 551 2.96 15.95 16.68
CA VAL A 551 3.71 15.85 17.91
C VAL A 551 4.95 14.97 17.74
N LYS A 552 6.02 15.29 18.47
CA LYS A 552 7.24 14.51 18.37
C LYS A 552 7.18 13.36 19.32
N ILE A 553 7.69 12.22 18.87
CA ILE A 553 7.71 11.02 19.69
C ILE A 553 8.70 11.23 20.85
N PRO A 554 8.26 11.02 22.09
CA PRO A 554 9.13 11.18 23.25
C PRO A 554 10.17 10.09 23.30
N ALA A 555 11.23 10.34 24.05
CA ALA A 555 12.30 9.36 24.20
C ALA A 555 11.91 8.30 25.23
N VAL A 556 11.09 7.34 24.79
CA VAL A 556 10.65 6.25 25.64
C VAL A 556 11.35 5.02 25.12
N ALA A 557 11.29 3.93 25.87
CA ALA A 557 11.97 2.71 25.46
C ALA A 557 11.32 2.13 24.20
N GLY A 558 12.12 1.48 23.36
CA GLY A 558 11.58 0.86 22.14
C GLY A 558 10.46 -0.10 22.53
N GLY A 559 9.38 -0.15 21.75
CA GLY A 559 8.29 -1.06 22.08
C GLY A 559 6.98 -0.66 21.41
N ASN A 560 5.92 -1.39 21.73
CA ASN A 560 4.60 -1.15 21.17
C ASN A 560 3.75 -0.32 22.13
N TYR A 561 3.20 0.77 21.63
CA TYR A 561 2.41 1.66 22.47
C TYR A 561 1.04 2.01 21.94
N ASN A 562 0.13 2.27 22.87
CA ASN A 562 -1.21 2.72 22.53
C ASN A 562 -1.14 4.23 22.58
N ILE A 563 -1.89 4.90 21.74
CA ILE A 563 -1.90 6.35 21.72
C ILE A 563 -3.29 6.85 22.07
N LYS A 564 -3.32 7.93 22.82
CA LYS A 564 -4.56 8.51 23.26
C LYS A 564 -4.29 10.01 23.41
N VAL A 565 -5.29 10.83 23.19
CA VAL A 565 -5.10 12.25 23.36
C VAL A 565 -6.20 12.73 24.28
N ALA A 566 -5.97 13.88 24.90
CA ALA A 566 -6.97 14.45 25.80
C ALA A 566 -7.03 15.91 25.41
N ASN A 567 -8.24 16.46 25.30
CA ASN A 567 -8.34 17.87 24.91
C ASN A 567 -7.92 18.81 26.03
N ALA A 568 -7.93 20.11 25.76
CA ALA A 568 -7.53 21.08 26.76
C ALA A 568 -8.34 20.95 28.05
N ALA A 569 -9.59 20.52 27.91
CA ALA A 569 -10.46 20.36 29.06
C ALA A 569 -10.24 19.06 29.81
N GLY A 570 -9.36 18.21 29.30
CA GLY A 570 -9.08 16.94 29.97
C GLY A 570 -9.88 15.74 29.47
N THR A 571 -10.73 15.95 28.48
CA THR A 571 -11.50 14.84 27.94
C THR A 571 -10.61 13.96 27.07
N ALA A 572 -10.58 12.67 27.37
CA ALA A 572 -9.75 11.72 26.63
C ALA A 572 -10.47 11.15 25.42
N SER A 573 -9.69 10.70 24.45
CA SER A 573 -10.22 10.15 23.20
C SER A 573 -10.23 8.63 23.26
N ASN A 574 -10.52 8.02 22.14
CA ASN A 574 -10.49 6.57 22.05
C ASN A 574 -9.01 6.22 21.98
N VAL A 575 -8.69 4.94 22.13
CA VAL A 575 -7.32 4.51 22.07
C VAL A 575 -7.00 4.00 20.67
N TYR A 576 -5.83 4.36 20.18
CA TYR A 576 -5.36 3.92 18.87
C TYR A 576 -4.12 3.07 19.20
N ASP A 577 -4.17 1.79 18.88
CA ASP A 577 -3.08 0.87 19.22
C ASP A 577 -2.07 0.58 18.13
N ASN A 578 -1.14 -0.31 18.46
CA ASN A 578 -0.13 -0.78 17.54
C ASN A 578 0.94 0.19 17.06
N PHE A 579 1.21 1.25 17.83
CA PHE A 579 2.25 2.18 17.41
C PHE A 579 3.63 1.65 17.85
N GLU A 580 4.56 1.54 16.91
CA GLU A 580 5.87 1.03 17.29
C GLU A 580 6.96 2.08 17.38
N VAL A 581 7.52 2.23 18.58
CA VAL A 581 8.62 3.14 18.83
C VAL A 581 9.90 2.33 18.66
N LEU A 582 10.73 2.70 17.68
CA LEU A 582 11.97 1.97 17.45
C LEU A 582 13.01 2.32 18.52
N SER A 583 14.05 1.49 18.64
CA SER A 583 15.12 1.73 19.62
C SER A 583 16.14 2.71 19.09
N GLY A 584 16.02 3.08 17.82
CA GLY A 584 16.93 4.02 17.16
C GLY A 584 16.92 3.72 15.66
N ASP A 585 17.89 4.25 14.93
CA ASP A 585 17.98 3.98 13.51
C ASP A 585 18.20 2.47 13.35
N GLN A 586 17.86 1.95 12.18
CA GLN A 586 17.96 0.53 11.94
C GLN A 586 18.91 0.06 10.86
N VAL A 587 19.38 -1.17 11.01
CA VAL A 587 20.23 -1.82 10.02
C VAL A 587 19.70 -3.24 9.90
N SER A 588 19.85 -3.81 8.71
CA SER A 588 19.39 -5.16 8.46
C SER A 588 20.56 -6.10 8.74
N VAL A 589 20.33 -7.09 9.60
CA VAL A 589 21.38 -8.04 9.95
C VAL A 589 20.90 -9.46 9.71
N ARG A 590 21.77 -10.30 9.16
CA ARG A 590 21.38 -11.69 8.92
C ARG A 590 21.86 -12.56 10.07
N PHE A 591 20.94 -13.25 10.74
CA PHE A 591 21.29 -14.16 11.83
C PHE A 591 21.29 -15.59 11.31
N VAL A 592 22.32 -16.36 11.65
CA VAL A 592 22.42 -17.75 11.24
C VAL A 592 22.73 -18.61 12.46
N VAL A 593 21.98 -19.69 12.63
CA VAL A 593 22.21 -20.63 13.74
C VAL A 593 22.47 -22.01 13.18
N ASN A 594 23.59 -22.61 13.55
CA ASN A 594 23.95 -23.92 13.04
C ASN A 594 23.53 -25.06 13.93
N ASN A 595 23.26 -26.20 13.29
CA ASN A 595 22.87 -27.41 14.00
C ASN A 595 21.75 -27.26 15.00
N ALA A 596 20.62 -26.74 14.54
CA ALA A 596 19.45 -26.61 15.37
C ALA A 596 18.42 -27.59 14.80
N THR A 597 18.52 -28.85 15.22
CA THR A 597 17.61 -29.88 14.71
C THR A 597 16.24 -29.78 15.37
N THR A 598 15.19 -30.07 14.61
CA THR A 598 13.83 -29.96 15.11
C THR A 598 12.99 -31.17 14.71
N ALA A 599 11.81 -31.24 15.30
CA ALA A 599 10.82 -32.28 14.99
C ALA A 599 9.86 -31.59 14.02
N LEU A 600 9.15 -32.37 13.22
CA LEU A 600 8.21 -31.82 12.26
C LEU A 600 7.21 -30.88 12.92
N GLY A 601 6.92 -29.75 12.28
CA GLY A 601 5.96 -28.78 12.82
C GLY A 601 6.57 -27.88 13.90
N GLN A 602 7.81 -28.19 14.27
CA GLN A 602 8.57 -27.43 15.27
C GLN A 602 9.54 -26.53 14.49
N ASN A 603 9.57 -25.24 14.81
CA ASN A 603 10.44 -24.28 14.11
C ASN A 603 11.36 -23.49 15.02
N VAL A 604 12.45 -22.97 14.45
CA VAL A 604 13.39 -22.16 15.22
C VAL A 604 13.04 -20.68 15.11
N TYR A 605 13.11 -19.98 16.24
CA TYR A 605 12.83 -18.55 16.31
C TYR A 605 13.98 -17.85 17.02
N LEU A 606 13.96 -16.52 16.99
CA LEU A 606 15.00 -15.72 17.60
C LEU A 606 14.44 -14.66 18.51
N THR A 607 15.06 -14.48 19.66
CA THR A 607 14.62 -13.44 20.59
C THR A 607 15.83 -12.77 21.24
N GLY A 608 15.61 -11.63 21.86
CA GLY A 608 16.74 -10.92 22.47
C GLY A 608 16.39 -9.67 23.25
N SER A 609 17.46 -8.98 23.66
CA SER A 609 17.39 -7.80 24.51
C SER A 609 16.78 -6.48 24.05
N VAL A 610 16.36 -6.37 22.79
CA VAL A 610 15.76 -5.12 22.32
C VAL A 610 14.33 -5.36 21.83
N SER A 611 13.52 -4.32 21.79
CA SER A 611 12.14 -4.48 21.34
C SER A 611 12.08 -5.01 19.91
N GLU A 612 13.09 -4.70 19.10
CA GLU A 612 13.14 -5.16 17.71
C GLU A 612 13.26 -6.68 17.68
N LEU A 613 13.63 -7.27 18.82
CA LEU A 613 13.81 -8.71 18.94
C LEU A 613 12.79 -9.35 19.89
N GLY A 614 11.82 -8.55 20.34
CA GLY A 614 10.75 -9.05 21.20
C GLY A 614 10.99 -8.93 22.69
N ASN A 615 12.16 -8.46 23.09
CA ASN A 615 12.45 -8.31 24.52
C ASN A 615 12.25 -9.59 25.34
N TRP A 616 12.83 -10.68 24.86
CA TRP A 616 12.78 -11.97 25.54
C TRP A 616 11.40 -12.64 25.62
N ASP A 617 10.40 -12.02 25.01
CA ASP A 617 9.05 -12.58 25.01
C ASP A 617 8.88 -13.53 23.84
N PRO A 618 8.79 -14.82 24.13
CA PRO A 618 8.63 -15.86 23.12
C PRO A 618 7.40 -15.66 22.24
N ALA A 619 6.38 -15.01 22.78
CA ALA A 619 5.18 -14.76 22.01
C ALA A 619 5.50 -13.71 20.96
N LYS A 620 6.64 -13.04 21.13
CA LYS A 620 7.05 -12.00 20.20
C LYS A 620 8.35 -12.32 19.47
N ALA A 621 8.77 -13.58 19.48
CA ALA A 621 10.02 -13.98 18.83
C ALA A 621 9.95 -13.84 17.31
N ILE A 622 11.08 -13.57 16.69
CA ILE A 622 11.17 -13.42 15.26
C ILE A 622 11.27 -14.78 14.58
N GLY A 623 10.44 -15.00 13.57
CA GLY A 623 10.45 -16.26 12.84
C GLY A 623 9.07 -16.63 12.36
N PRO A 624 8.91 -17.89 11.93
CA PRO A 624 9.98 -18.89 11.94
C PRO A 624 11.09 -18.59 10.97
N MET A 625 12.28 -19.06 11.30
CA MET A 625 13.44 -18.84 10.45
C MET A 625 13.41 -19.73 9.21
N TYR A 626 14.25 -19.39 8.23
CA TYR A 626 14.32 -20.11 6.96
C TYR A 626 15.43 -21.17 7.02
N ASN A 627 15.36 -22.18 6.17
CA ASN A 627 16.37 -23.22 6.18
C ASN A 627 16.47 -24.02 4.86
N GLN A 628 16.08 -23.41 3.74
CA GLN A 628 16.11 -24.09 2.44
C GLN A 628 17.17 -23.56 1.49
N VAL A 629 16.99 -22.29 1.13
CA VAL A 629 17.82 -21.61 0.15
C VAL A 629 19.23 -21.18 0.52
N VAL A 630 19.36 -20.06 1.23
CA VAL A 630 20.69 -19.58 1.58
C VAL A 630 21.48 -20.54 2.43
N TYR A 631 20.83 -21.12 3.44
CA TYR A 631 21.46 -22.12 4.30
C TYR A 631 20.46 -23.22 4.37
N GLN A 632 20.93 -24.46 4.53
CA GLN A 632 19.99 -25.56 4.61
C GLN A 632 19.98 -26.24 5.97
N TYR A 633 18.78 -26.67 6.36
CA TYR A 633 18.55 -27.36 7.62
C TYR A 633 19.62 -28.45 7.82
N PRO A 634 20.11 -28.64 9.05
CA PRO A 634 19.64 -27.97 10.25
C PRO A 634 20.26 -26.62 10.57
N ASN A 635 20.66 -25.88 9.54
CA ASN A 635 21.19 -24.54 9.72
C ASN A 635 20.02 -23.62 9.33
N TRP A 636 19.70 -22.66 10.19
CA TRP A 636 18.59 -21.74 9.93
C TRP A 636 19.09 -20.31 9.80
N TYR A 637 18.38 -19.51 9.01
CA TYR A 637 18.78 -18.12 8.80
C TYR A 637 17.57 -17.18 8.67
N TYR A 638 17.82 -15.89 8.89
CA TYR A 638 16.77 -14.86 8.80
C TYR A 638 17.36 -13.43 8.83
N ASP A 639 16.76 -12.53 8.04
CA ASP A 639 17.21 -11.13 7.98
C ASP A 639 16.35 -10.29 8.90
N VAL A 640 16.98 -9.65 9.88
CA VAL A 640 16.25 -8.89 10.88
C VAL A 640 16.67 -7.43 10.97
N SER A 641 15.69 -6.57 11.24
CA SER A 641 15.94 -5.15 11.41
C SER A 641 16.22 -4.94 12.90
N VAL A 642 17.42 -4.42 13.20
CA VAL A 642 17.86 -4.18 14.58
C VAL A 642 18.43 -2.76 14.71
N PRO A 643 18.42 -2.22 15.92
CA PRO A 643 18.92 -0.87 16.16
C PRO A 643 20.41 -0.74 15.89
N ALA A 644 20.76 0.21 15.02
CA ALA A 644 22.14 0.46 14.62
C ALA A 644 23.09 0.76 15.78
N GLY A 645 24.25 0.11 15.75
CA GLY A 645 25.31 0.31 16.73
C GLY A 645 25.08 -0.17 18.17
N LYS A 646 24.00 -0.88 18.43
CA LYS A 646 23.76 -1.35 19.79
C LYS A 646 24.31 -2.73 20.03
N THR A 647 24.67 -2.98 21.27
CA THR A 647 25.17 -4.28 21.68
C THR A 647 23.93 -5.02 22.16
N ILE A 648 23.68 -6.16 21.51
CA ILE A 648 22.50 -6.95 21.74
C ILE A 648 22.82 -8.36 22.20
N GLU A 649 21.97 -8.84 23.09
CA GLU A 649 22.08 -10.18 23.61
C GLU A 649 20.92 -10.93 23.02
N PHE A 650 21.17 -12.12 22.52
CA PHE A 650 20.12 -12.90 21.91
C PHE A 650 20.22 -14.38 22.23
N LYS A 651 19.16 -15.10 21.86
CA LYS A 651 19.07 -16.53 22.07
C LYS A 651 18.07 -17.07 21.07
N PHE A 652 18.23 -18.34 20.70
CA PHE A 652 17.30 -18.96 19.78
C PHE A 652 16.39 -19.87 20.57
N LEU A 653 15.24 -20.19 19.99
CA LEU A 653 14.28 -21.06 20.65
C LEU A 653 13.53 -21.88 19.61
N LYS A 654 12.99 -23.00 20.06
CA LYS A 654 12.19 -23.86 19.20
C LYS A 654 10.76 -23.77 19.71
N LYS A 655 9.83 -23.52 18.80
CA LYS A 655 8.43 -23.39 19.17
C LYS A 655 7.56 -24.36 18.39
N GLN A 656 6.62 -24.96 19.11
CA GLN A 656 5.65 -25.87 18.54
C GLN A 656 4.38 -25.35 19.17
N GLY A 657 3.54 -24.69 18.37
CA GLY A 657 2.35 -24.10 18.94
C GLY A 657 2.90 -23.03 19.87
N SER A 658 2.44 -23.03 21.12
CA SER A 658 2.93 -22.05 22.08
C SER A 658 3.87 -22.70 23.07
N THR A 659 4.29 -23.91 22.77
CA THR A 659 5.23 -24.63 23.62
C THR A 659 6.65 -24.28 23.19
N VAL A 660 7.47 -23.81 24.13
CA VAL A 660 8.82 -23.38 23.83
C VAL A 660 9.97 -24.08 24.53
N THR A 661 11.05 -24.25 23.78
CA THR A 661 12.28 -24.89 24.27
C THR A 661 13.41 -23.89 24.03
N TRP A 662 14.04 -23.44 25.11
CA TRP A 662 15.13 -22.47 25.00
C TRP A 662 16.47 -23.10 24.72
N GLU A 663 17.32 -22.30 24.11
CA GLU A 663 18.66 -22.71 23.82
C GLU A 663 19.32 -22.72 25.20
N GLY A 664 20.25 -23.63 25.42
CA GLY A 664 20.93 -23.68 26.69
C GLY A 664 22.07 -22.66 26.68
N GLY A 665 22.86 -22.66 27.75
CA GLY A 665 24.00 -21.77 27.87
C GLY A 665 23.65 -20.33 28.21
N SER A 666 24.55 -19.44 27.83
CA SER A 666 24.39 -18.03 28.09
C SER A 666 24.04 -17.35 26.79
N ASN A 667 23.49 -16.15 26.90
CA ASN A 667 23.09 -15.39 25.75
C ASN A 667 24.26 -15.18 24.82
N HIS A 668 23.99 -15.15 23.52
CA HIS A 668 25.03 -14.84 22.58
C HIS A 668 24.97 -13.34 22.62
N THR A 669 26.00 -12.70 22.11
CA THR A 669 26.03 -11.25 22.14
C THR A 669 26.71 -10.72 20.90
N PHE A 670 26.39 -9.48 20.55
CA PHE A 670 27.00 -8.85 19.39
C PHE A 670 26.64 -7.40 19.36
N THR A 671 27.35 -6.64 18.55
CA THR A 671 27.09 -5.21 18.44
C THR A 671 26.73 -4.95 16.98
N ALA A 672 25.55 -4.33 16.77
CA ALA A 672 25.07 -4.05 15.41
C ALA A 672 25.93 -3.01 14.71
N PRO A 673 26.04 -3.09 13.38
CA PRO A 673 26.83 -2.09 12.65
C PRO A 673 26.12 -0.75 12.70
N SER A 674 26.85 0.32 12.42
CA SER A 674 26.30 1.66 12.44
C SER A 674 25.56 1.94 11.16
N SER A 675 25.90 1.19 10.13
CA SER A 675 25.26 1.33 8.82
C SER A 675 25.66 0.12 8.01
N GLY A 676 25.03 -0.09 6.87
CA GLY A 676 25.32 -1.26 6.07
C GLY A 676 24.75 -2.49 6.77
N THR A 677 25.21 -3.67 6.35
CA THR A 677 24.70 -4.91 6.90
C THR A 677 25.77 -5.75 7.61
N ALA A 678 25.33 -6.87 8.14
CA ALA A 678 26.21 -7.80 8.83
C ALA A 678 25.55 -9.17 8.88
N THR A 679 26.37 -10.18 9.15
CA THR A 679 25.88 -11.53 9.24
C THR A 679 26.45 -12.18 10.49
N ILE A 680 25.57 -12.61 11.39
CA ILE A 680 26.00 -13.25 12.63
C ILE A 680 25.75 -14.75 12.56
N ASN A 681 26.82 -15.52 12.71
CA ASN A 681 26.78 -16.97 12.63
C ASN A 681 27.12 -17.60 13.98
N VAL A 682 26.19 -18.34 14.57
CA VAL A 682 26.44 -19.00 15.84
C VAL A 682 25.96 -20.44 15.82
N ASN A 683 26.33 -21.21 16.84
CA ASN A 683 25.95 -22.62 16.91
C ASN A 683 24.89 -22.75 17.97
N TRP A 684 23.89 -23.58 17.73
CA TRP A 684 22.84 -23.80 18.71
C TRP A 684 23.46 -24.39 19.98
N GLN A 685 23.12 -23.81 21.14
CA GLN A 685 23.63 -24.29 22.43
C GLN A 685 22.57 -25.14 23.11
N PRO A 686 22.93 -26.37 23.42
CA PRO A 686 22.04 -27.33 24.08
C PRO A 686 21.95 -27.08 25.57
C1 GLC B . 0.46 -16.23 -8.21
C2 GLC B . 1.51 -15.88 -7.18
C3 GLC B . 1.95 -14.44 -7.26
C4 GLC B . 2.29 -14.08 -8.70
C5 GLC B . 1.05 -14.34 -9.52
C6 GLC B . 1.19 -13.87 -10.95
O1 GLC B . -0.76 -15.77 -7.78
O2 GLC B . 0.98 -16.11 -5.87
O3 GLC B . 3.03 -14.26 -6.36
O4 GLC B . 2.53 -12.66 -8.78
O5 GLC B . 0.82 -15.74 -9.52
O6 GLC B . 0.85 -12.49 -11.00
C1 GLC B . 3.78 -12.20 -9.23
C2 GLC B . 4.38 -11.31 -8.15
C3 GLC B . 4.02 -9.84 -8.31
C4 GLC B . 4.21 -9.39 -9.73
C5 GLC B . 3.29 -10.23 -10.58
C6 GLC B . 3.32 -9.81 -12.02
O2 GLC B . 3.96 -11.78 -6.88
O3 GLC B . 4.85 -9.01 -7.51
O4 GLC B . 3.82 -8.03 -9.89
O5 GLC B . 3.72 -11.59 -10.53
O6 GLC B . 4.64 -9.70 -12.55
C1 GLC B . 4.73 -7.00 -9.71
C2 GLC B . 4.43 -5.88 -10.67
C3 GLC B . 4.55 -6.43 -12.08
C4 GLC B . 6.03 -6.73 -12.33
C5 GLC B . 6.53 -7.72 -11.25
C6 GLC B . 8.03 -7.71 -11.19
O2 GLC B . 3.16 -5.27 -10.43
O3 GLC B . 3.93 -5.47 -12.92
O4 GLC B . 6.21 -7.33 -13.65
O5 GLC B . 6.11 -7.35 -9.92
O6 GLC B . 8.35 -7.08 -9.95
C1 GLC B . 6.95 -6.68 -14.68
C2 GLC B . 6.06 -6.18 -15.82
C3 GLC B . 6.02 -7.11 -17.00
C4 GLC B . 7.36 -7.64 -17.43
C5 GLC B . 8.07 -8.25 -16.23
C6 GLC B . 9.49 -8.61 -16.54
O2 GLC B . 4.72 -6.03 -15.43
O3 GLC B . 5.41 -6.47 -18.14
O4 GLC B . 7.10 -8.71 -18.32
O5 GLC B . 8.13 -7.37 -15.09
O6 GLC B . 9.78 -8.84 -17.92
C1 GLC C . -34.34 -10.01 5.77
C2 GLC C . -32.91 -9.65 5.48
C3 GLC C . -32.18 -9.49 6.79
C4 GLC C . -32.85 -8.38 7.58
C5 GLC C . -34.34 -8.69 7.80
C6 GLC C . -35.08 -7.49 8.32
O1 GLC C . -34.35 -11.24 6.39
O2 GLC C . -32.33 -10.73 4.75
O3 GLC C . -30.83 -9.16 6.50
O4 GLC C . -32.16 -8.24 8.84
O5 GLC C . -34.95 -8.98 6.53
O6 GLC C . -36.04 -7.92 9.27
C1 GLC C . -31.41 -7.07 9.09
C2 GLC C . -30.04 -7.42 9.64
C3 GLC C . -30.13 -8.02 11.02
C4 GLC C . -30.96 -7.15 11.95
C5 GLC C . -32.28 -6.81 11.29
C6 GLC C . -33.06 -5.82 12.11
O2 GLC C . -29.38 -8.34 8.77
O3 GLC C . -28.85 -8.26 11.60
O4 GLC C . -31.33 -7.85 13.13
O5 GLC C . -32.11 -6.23 10.00
O6 GLC C . -34.39 -5.66 11.59
C1 GLC D . 15.43 -20.69 30.25
C2 GLC D . 16.59 -20.31 29.39
C3 GLC D . 16.99 -18.85 29.59
C4 GLC D . 15.77 -17.96 29.41
C5 GLC D . 14.70 -18.38 30.42
C6 GLC D . 13.44 -17.58 30.25
O1 GLC D . 15.85 -21.01 31.54
O2 GLC D . 17.71 -21.16 29.62
O3 GLC D . 18.01 -18.53 28.65
O4 GLC D . 16.17 -16.63 29.77
O5 GLC D . 14.35 -19.76 30.18
O6 GLC D . 13.01 -17.13 31.54
C1 GLC D . 15.99 -15.59 28.83
C2 GLC D . 17.29 -14.82 28.74
C3 GLC D . 17.53 -14.00 29.98
C4 GLC D . 16.35 -13.11 30.27
C5 GLC D . 15.08 -13.93 30.36
C6 GLC D . 13.84 -13.08 30.41
O2 GLC D . 18.37 -15.73 28.57
O3 GLC D . 18.69 -13.18 29.87
O4 GLC D . 16.53 -12.45 31.52
O5 GLC D . 14.90 -14.77 29.21
O6 GLC D . 12.70 -13.79 30.87
C1 GLC E . 13.43 -32.33 9.03
C2 GLC E . 13.12 -31.77 10.38
C3 GLC E . 11.95 -30.80 10.30
C4 GLC E . 12.37 -29.73 9.31
C5 GLC E . 12.64 -30.29 7.91
C6 GLC E . 13.25 -29.23 7.02
O1 GLC E . 12.53 -33.33 8.70
O2 GLC E . 12.81 -32.80 11.32
O3 GLC E . 11.81 -30.33 11.63
O4 GLC E . 11.22 -28.90 9.18
O5 GLC E . 13.62 -31.33 8.01
O6 GLC E . 13.30 -29.72 5.67
C1 GLC E . 11.31 -27.66 9.83
C2 GLC E . 9.96 -27.55 10.52
C3 GLC E . 8.90 -27.49 9.46
C4 GLC E . 9.21 -26.46 8.38
C5 GLC E . 10.60 -26.64 7.79
C6 GLC E . 10.98 -25.51 6.88
O2 GLC E . 9.70 -28.72 11.27
O3 GLC E . 7.61 -27.22 10.02
O4 GLC E . 8.31 -26.57 7.29
O5 GLC E . 11.55 -26.66 8.86
O6 GLC E . 11.58 -25.91 5.65
CA CA F . 6.61 12.03 -25.09
CA CA G . 14.17 -11.03 -4.25
#